data_5DXT
#
_entry.id   5DXT
#
_cell.length_a   58.507
_cell.length_b   133.672
_cell.length_c   141.339
_cell.angle_alpha   90.00
_cell.angle_beta   90.00
_cell.angle_gamma   90.00
#
_symmetry.space_group_name_H-M   'P 21 21 21'
#
loop_
_entity.id
_entity.type
_entity.pdbx_description
1 polymer 'Phosphatidylinositol 4,5-bisphosphate 3-kinase catalytic subunit alpha isoform'
2 non-polymer (2S)-2-({2-[1-(propan-2-yl)-1H-1,2,4-triazol-5-yl]-5,6-dihydroimidazo[1,2-d][1,4]benzoxazepin-9-yl}oxy)propanamide
3 non-polymer 1,2-ETHANEDIOL
4 water water
#
_entity_poly.entity_id   1
_entity_poly.type   'polypeptide(L)'
_entity_poly.pdbx_seq_one_letter_code
;NREEKILNREIGFAIGMPVCEFDMVKDPEVQDFRRNILNVCKEAVDLRDLNSPHSRAMYVYPPNVESSPELPKHIYNKLD
KGQIIVVIWVIVSPNNDKQKYTLKINHDCVPEQVIAEAIRKKTRSMLLSSEQLKLCVLEYQGKYILKVCGCDEYFLEKYP
LSQYKYIRSCIMLGRMPNLMLMAKESLYSQLPMDCFTMPSYSRRISTATPYMNGETSTKSLWVINSALRIKILCATYVNV
NIRDIDKIYVRTGIYHGGEPLCDNVNTQRVPCSNPRWNEWLNYDIYIPDLPRAARLCLSICSVKGRKGAKEEHCPLAWGN
INLFDYTDTLVSGKMALNLWPVPHGLEDLLNPIGVTGSNPNKETPCLELEFDWFSSVVKFPDMSVIEEHANWSVSREAGF
SYSHAGLSNRLARDNELRENDKEQLKAISTRDPLSEITEQEKDFLWSHRHYCVTIPEILPKLLLSVKWNSRDEVAQMYCL
VKDWPPIKPEQAMELLDCNYPDPMVRGFAVRCLEKYLTDDKLSQYLIQLVQVLKYEQYLDNLLVRFLLKKALTNQRIGHF
FFWHLKSEMHNKTVSQRFGLLLESYCRACGMYLKHLNRQVEAMEKLINLTDILKQEKKDETQKVQMKFLVEQMRRPDFMD
ALQGFLSPLNPAHQLGNLRLEECRIMSSAKRPLWLNWENPDIMSELLFQNNEIIFKNGDDLRQDMLTLQIIRIMENIWQN
QGLDLRMLPYGCLSIGDCVGLIEVVRNSHTIMQIQCKGGLKGALQFNSHTLHQWLKDKNKGEIYDAAIDLFTRSCAGYCV
ATFILGIGDRHNSNIMVKDDGQLFHIDFGHFLDHKKKKFGYKRERVPFVLTQDFLIVISKGAQECTKTREFERFQEMCYK
AYLAIRQHANLFINLFSMMLGSGMPELQSFDDIAYIRKTLALDKTEQEALEYFMKQMNDAHHGGWTTKMDWIFHTIKQHA
LN
;
_entity_poly.pdbx_strand_id   A
#
loop_
_chem_comp.id
_chem_comp.type
_chem_comp.name
_chem_comp.formula
5H5 non-polymer (2S)-2-({2-[1-(propan-2-yl)-1H-1,2,4-triazol-5-yl]-5,6-dihydroimidazo[1,2-d][1,4]benzoxazepin-9-yl}oxy)propanamide 'C19 H22 N6 O3'
EDO non-polymer 1,2-ETHANEDIOL 'C2 H6 O2'
#
# COMPACT_ATOMS: atom_id res chain seq x y z
N ASN A 1 35.05 -12.56 5.00
CA ASN A 1 34.55 -12.70 6.42
C ASN A 1 34.70 -11.44 7.29
N ARG A 2 35.85 -10.77 7.20
CA ARG A 2 36.11 -9.54 7.97
C ARG A 2 35.19 -8.39 7.52
N GLU A 3 35.11 -8.19 6.21
CA GLU A 3 34.18 -7.22 5.62
C GLU A 3 32.71 -7.65 5.77
N GLU A 4 32.46 -8.97 5.71
CA GLU A 4 31.11 -9.52 5.95
C GLU A 4 30.60 -9.26 7.36
N LYS A 5 31.46 -9.44 8.36
CA LYS A 5 31.12 -9.15 9.76
C LYS A 5 30.71 -7.70 9.99
N ILE A 6 31.43 -6.77 9.35
CA ILE A 6 31.12 -5.34 9.42
C ILE A 6 29.79 -5.04 8.71
N LEU A 7 29.59 -5.67 7.55
CA LEU A 7 28.32 -5.57 6.82
C LEU A 7 27.15 -6.14 7.61
N ASN A 8 27.37 -7.29 8.27
CA ASN A 8 26.34 -7.91 9.13
C ASN A 8 25.88 -7.00 10.28
N ARG A 9 26.82 -6.25 10.86
CA ARG A 9 26.49 -5.25 11.88
C ARG A 9 25.66 -4.10 11.32
N GLU A 10 26.05 -3.61 10.14
CA GLU A 10 25.29 -2.56 9.44
C GLU A 10 23.86 -2.99 9.12
N ILE A 11 23.70 -4.20 8.58
CA ILE A 11 22.38 -4.76 8.26
C ILE A 11 21.58 -4.98 9.54
N GLY A 12 22.24 -5.49 10.58
CA GLY A 12 21.60 -5.69 11.88
C GLY A 12 21.07 -4.41 12.52
N PHE A 13 21.83 -3.32 12.37
CA PHE A 13 21.40 -1.99 12.84
C PHE A 13 20.20 -1.50 12.05
N ALA A 14 20.24 -1.66 10.73
CA ALA A 14 19.16 -1.25 9.82
C ALA A 14 17.83 -1.92 10.13
N ILE A 15 17.85 -3.24 10.28
CA ILE A 15 16.64 -4.04 10.47
C ILE A 15 16.17 -4.15 11.93
N GLY A 16 17.03 -3.76 12.88
CA GLY A 16 16.71 -3.79 14.31
C GLY A 16 16.85 -5.15 14.98
N MET A 17 17.58 -6.06 14.35
CA MET A 17 17.88 -7.38 14.93
C MET A 17 19.14 -7.96 14.28
N PRO A 18 19.94 -8.75 15.03
CA PRO A 18 21.20 -9.25 14.48
C PRO A 18 21.02 -10.35 13.44
N VAL A 19 21.88 -10.36 12.43
CA VAL A 19 21.87 -11.34 11.33
C VAL A 19 22.05 -12.78 11.83
N CYS A 20 22.83 -12.95 12.91
CA CYS A 20 23.08 -14.27 13.52
C CYS A 20 21.81 -15.00 13.96
N GLU A 21 20.76 -14.25 14.30
CA GLU A 21 19.46 -14.85 14.65
C GLU A 21 18.78 -15.57 13.47
N PHE A 22 19.02 -15.11 12.24
CA PHE A 22 18.59 -15.83 11.03
C PHE A 22 19.39 -17.12 10.81
N ASP A 23 20.70 -17.05 11.04
CA ASP A 23 21.60 -18.22 10.90
C ASP A 23 21.19 -19.40 11.79
N MET A 24 20.67 -19.10 12.98
CA MET A 24 20.25 -20.12 13.93
C MET A 24 18.83 -20.69 13.67
N VAL A 25 18.11 -20.17 12.67
CA VAL A 25 16.80 -20.72 12.30
C VAL A 25 17.01 -22.06 11.59
N LYS A 26 16.44 -23.12 12.16
CA LYS A 26 16.59 -24.48 11.61
C LYS A 26 15.76 -24.72 10.35
N ASP A 27 14.57 -24.10 10.30
CA ASP A 27 13.63 -24.23 9.16
C ASP A 27 14.34 -24.09 7.80
N PRO A 28 14.35 -25.15 6.98
CA PRO A 28 15.02 -25.06 5.68
C PRO A 28 14.38 -24.10 4.66
N GLU A 29 13.12 -23.71 4.85
CA GLU A 29 12.49 -22.70 3.99
C GLU A 29 13.13 -21.33 4.18
N VAL A 30 13.43 -20.99 5.43
CA VAL A 30 14.13 -19.76 5.78
C VAL A 30 15.52 -19.72 5.14
N GLN A 31 16.28 -20.81 5.29
CA GLN A 31 17.64 -20.89 4.76
C GLN A 31 17.67 -21.00 3.23
N ASP A 32 16.69 -21.69 2.65
CA ASP A 32 16.51 -21.71 1.18
C ASP A 32 16.14 -20.33 0.64
N PHE A 33 15.28 -19.60 1.35
CA PHE A 33 14.91 -18.24 0.94
C PHE A 33 16.14 -17.33 0.88
N ARG A 34 16.87 -17.28 1.99
CA ARG A 34 18.09 -16.46 2.10
C ARG A 34 19.07 -16.71 0.96
N ARG A 35 19.28 -17.98 0.62
CA ARG A 35 20.16 -18.39 -0.48
C ARG A 35 19.56 -18.07 -1.86
N ASN A 36 18.35 -18.57 -2.11
CA ASN A 36 17.72 -18.48 -3.44
C ASN A 36 17.33 -17.07 -3.87
N ILE A 37 16.99 -16.20 -2.91
CA ILE A 37 16.61 -14.82 -3.22
C ILE A 37 17.77 -13.97 -3.81
N LEU A 38 19.01 -14.38 -3.53
CA LEU A 38 20.22 -13.66 -4.01
C LEU A 38 20.34 -13.58 -5.54
N ASN A 39 19.62 -14.44 -6.25
CA ASN A 39 19.39 -14.30 -7.70
C ASN A 39 18.88 -12.91 -8.08
N VAL A 40 17.89 -12.43 -7.34
CA VAL A 40 17.27 -11.11 -7.58
C VAL A 40 18.26 -10.00 -7.26
N CYS A 41 19.00 -10.16 -6.17
CA CYS A 41 20.09 -9.24 -5.80
C CYS A 41 21.10 -9.09 -6.93
N LYS A 42 21.59 -10.23 -7.41
CA LYS A 42 22.53 -10.30 -8.55
C LYS A 42 21.99 -9.60 -9.80
N GLU A 43 20.78 -9.97 -10.20
CA GLU A 43 20.11 -9.40 -11.39
C GLU A 43 19.96 -7.88 -11.33
N ALA A 44 19.56 -7.37 -10.15
CA ALA A 44 19.39 -5.93 -9.94
C ALA A 44 20.71 -5.16 -10.05
N VAL A 45 21.76 -5.71 -9.44
CA VAL A 45 23.10 -5.11 -9.48
C VAL A 45 23.65 -5.07 -10.91
N ASP A 46 23.39 -6.11 -11.69
CA ASP A 46 23.80 -6.15 -13.11
C ASP A 46 23.15 -5.03 -13.92
N LEU A 47 21.86 -4.79 -13.70
CA LEU A 47 21.14 -3.70 -14.37
C LEU A 47 21.71 -2.32 -14.02
N ARG A 48 22.17 -2.16 -12.79
CA ARG A 48 22.86 -0.93 -12.36
C ARG A 48 24.29 -0.80 -12.92
N ASP A 49 24.97 -1.93 -13.11
CA ASP A 49 26.30 -1.95 -13.73
C ASP A 49 26.26 -1.96 -15.27
N LEU A 50 25.09 -2.26 -15.85
CA LEU A 50 24.87 -2.20 -17.30
C LEU A 50 24.76 -0.74 -17.71
N ASN A 51 25.71 -0.27 -18.54
CA ASN A 51 25.88 1.18 -18.85
C ASN A 51 26.27 1.96 -17.60
N SER A 52 27.39 1.55 -17.01
CA SER A 52 27.73 1.77 -15.58
C SER A 52 27.48 3.14 -14.92
N PRO A 53 28.01 4.24 -15.50
CA PRO A 53 27.86 5.54 -14.80
C PRO A 53 26.41 6.05 -14.77
N HIS A 54 25.79 6.20 -15.95
CA HIS A 54 24.42 6.71 -16.08
C HIS A 54 23.39 5.82 -15.40
N SER A 55 23.52 4.51 -15.58
CA SER A 55 22.59 3.54 -15.01
C SER A 55 22.65 3.46 -13.47
N ARG A 56 23.82 3.73 -12.90
CA ARG A 56 23.96 3.84 -11.44
C ARG A 56 23.29 5.12 -10.93
N ALA A 57 23.46 6.22 -11.66
CA ALA A 57 22.77 7.49 -11.35
C ALA A 57 21.25 7.37 -11.47
N MET A 58 20.79 6.63 -12.49
CA MET A 58 19.36 6.36 -12.67
C MET A 58 18.74 5.57 -11.52
N TYR A 59 19.52 4.66 -10.93
CA TYR A 59 19.11 3.91 -9.74
C TYR A 59 18.93 4.82 -8.52
N VAL A 60 19.94 5.64 -8.25
CA VAL A 60 19.98 6.52 -7.08
C VAL A 60 19.04 7.72 -7.23
N TYR A 61 19.02 8.31 -8.42
CA TYR A 61 18.21 9.49 -8.72
C TYR A 61 17.28 9.23 -9.92
N PRO A 62 16.28 8.34 -9.74
CA PRO A 62 15.37 8.05 -10.84
C PRO A 62 14.47 9.24 -11.16
N PRO A 63 13.98 9.34 -12.42
CA PRO A 63 13.12 10.47 -12.78
C PRO A 63 11.76 10.40 -12.08
N ASN A 64 11.47 11.41 -11.29
CA ASN A 64 10.16 11.56 -10.67
C ASN A 64 9.18 12.03 -11.75
N VAL A 65 8.51 11.07 -12.36
CA VAL A 65 7.79 11.25 -13.62
C VAL A 65 6.37 10.68 -13.55
N GLU A 66 5.45 11.36 -14.24
CA GLU A 66 4.05 10.91 -14.34
C GLU A 66 3.95 9.70 -15.26
N SER A 67 2.84 8.96 -15.15
CA SER A 67 2.64 7.74 -15.94
C SER A 67 2.46 8.04 -17.44
N SER A 68 1.61 9.03 -17.74
CA SER A 68 1.31 9.42 -19.14
C SER A 68 1.98 10.76 -19.50
N PRO A 69 2.65 10.83 -20.68
CA PRO A 69 3.06 12.13 -21.23
C PRO A 69 1.90 13.09 -21.53
N GLU A 70 0.75 12.53 -21.93
CA GLU A 70 -0.43 13.32 -22.31
C GLU A 70 -0.94 14.19 -21.16
N LEU A 71 -1.19 15.47 -21.45
CA LEU A 71 -1.64 16.44 -20.46
C LEU A 71 -3.16 16.63 -20.53
N PRO A 72 -3.85 16.69 -19.37
CA PRO A 72 -5.25 17.13 -19.34
C PRO A 72 -5.48 18.51 -19.96
N LYS A 73 -6.67 18.70 -20.54
CA LYS A 73 -6.98 19.89 -21.34
C LYS A 73 -6.94 21.20 -20.56
N HIS A 74 -7.49 21.19 -19.34
CA HIS A 74 -7.51 22.40 -18.49
C HIS A 74 -6.12 22.78 -17.93
N ILE A 75 -5.22 21.80 -17.85
CA ILE A 75 -3.81 22.06 -17.47
C ILE A 75 -3.04 22.65 -18.67
N TYR A 76 -3.34 22.16 -19.88
CA TYR A 76 -2.78 22.74 -21.12
C TYR A 76 -3.22 24.20 -21.32
N ASN A 77 -4.42 24.55 -20.87
CA ASN A 77 -4.93 25.93 -20.93
C ASN A 77 -4.18 26.92 -20.03
N LYS A 78 -3.53 26.41 -18.98
CA LYS A 78 -2.68 27.23 -18.10
C LYS A 78 -1.37 27.66 -18.79
N LEU A 79 -0.90 26.87 -19.76
CA LEU A 79 0.28 27.21 -20.56
C LEU A 79 -0.04 28.32 -21.58
N ASP A 80 1.00 29.05 -21.98
CA ASP A 80 0.89 30.11 -22.99
C ASP A 80 1.12 29.52 -24.39
N LYS A 81 0.03 29.12 -25.04
CA LYS A 81 0.07 28.45 -26.35
C LYS A 81 0.95 27.19 -26.35
N GLY A 82 0.76 26.36 -25.33
CA GLY A 82 1.54 25.13 -25.15
C GLY A 82 3.01 25.34 -24.78
N GLN A 83 3.34 26.49 -24.21
CA GLN A 83 4.71 26.81 -23.79
C GLN A 83 4.79 27.16 -22.31
N ILE A 84 5.95 26.88 -21.71
CA ILE A 84 6.21 27.09 -20.28
C ILE A 84 7.40 28.04 -20.10
N ILE A 85 7.31 28.92 -19.11
CA ILE A 85 8.40 29.81 -18.72
C ILE A 85 9.19 29.09 -17.63
N VAL A 86 10.48 28.85 -17.87
CA VAL A 86 11.36 28.11 -16.95
C VAL A 86 12.62 28.93 -16.67
N VAL A 87 13.03 28.96 -15.39
CA VAL A 87 14.27 29.62 -14.97
C VAL A 87 15.35 28.54 -14.78
N ILE A 88 16.50 28.74 -15.40
CA ILE A 88 17.63 27.81 -15.32
C ILE A 88 18.83 28.54 -14.71
N TRP A 89 19.28 28.05 -13.55
CA TRP A 89 20.38 28.65 -12.81
C TRP A 89 21.71 27.99 -13.15
N VAL A 90 22.77 28.80 -13.20
CA VAL A 90 24.13 28.34 -13.48
C VAL A 90 25.06 28.92 -12.42
N ILE A 91 25.73 28.05 -11.66
CA ILE A 91 26.73 28.45 -10.66
C ILE A 91 28.06 28.66 -11.39
N VAL A 92 28.52 29.91 -11.44
CA VAL A 92 29.77 30.29 -12.11
C VAL A 92 30.86 30.53 -11.07
N ASP A 97 29.14 32.44 -8.07
CA ASP A 97 27.94 33.25 -8.15
C ASP A 97 26.83 32.57 -8.96
N LYS A 98 25.57 32.80 -8.55
CA LYS A 98 24.40 32.23 -9.23
C LYS A 98 23.93 33.16 -10.34
N GLN A 99 23.67 32.58 -11.52
CA GLN A 99 23.18 33.32 -12.70
C GLN A 99 21.93 32.66 -13.27
N LYS A 100 20.80 33.37 -13.23
CA LYS A 100 19.53 32.86 -13.75
C LYS A 100 19.37 33.17 -15.24
N TYR A 101 18.66 32.28 -15.95
CA TYR A 101 18.37 32.43 -17.38
C TYR A 101 16.94 31.96 -17.66
N THR A 102 16.03 32.93 -17.79
CA THR A 102 14.60 32.64 -18.03
C THR A 102 14.37 32.25 -19.48
N LEU A 103 13.85 31.04 -19.69
CA LEU A 103 13.54 30.51 -21.02
C LEU A 103 12.03 30.32 -21.19
N LYS A 104 11.51 30.77 -22.32
CA LYS A 104 10.13 30.48 -22.74
C LYS A 104 10.22 29.42 -23.82
N ILE A 105 9.68 28.24 -23.54
CA ILE A 105 9.95 27.05 -24.34
C ILE A 105 8.74 26.09 -24.35
N ASN A 106 8.71 25.16 -25.30
CA ASN A 106 7.64 24.16 -25.41
C ASN A 106 7.59 23.23 -24.19
N HIS A 107 6.40 22.93 -23.71
CA HIS A 107 6.21 22.12 -22.49
C HIS A 107 6.71 20.67 -22.62
N ASP A 108 6.69 20.14 -23.85
CA ASP A 108 7.16 18.77 -24.15
C ASP A 108 8.63 18.70 -24.61
N CYS A 109 9.43 19.72 -24.28
CA CYS A 109 10.86 19.71 -24.59
C CYS A 109 11.62 18.68 -23.74
N VAL A 110 12.65 18.09 -24.34
CA VAL A 110 13.55 17.14 -23.67
C VAL A 110 14.56 17.98 -22.89
N PRO A 111 14.95 17.53 -21.66
CA PRO A 111 16.00 18.19 -20.86
C PRO A 111 17.23 18.68 -21.63
N GLU A 112 17.71 17.87 -22.57
CA GLU A 112 18.84 18.23 -23.44
C GLU A 112 18.53 19.43 -24.35
N GLN A 113 17.29 19.52 -24.83
CA GLN A 113 16.83 20.70 -25.58
C GLN A 113 16.72 21.93 -24.69
N VAL A 114 16.28 21.73 -23.45
CA VAL A 114 16.17 22.80 -22.45
C VAL A 114 17.56 23.29 -22.03
N ILE A 115 18.51 22.37 -21.89
CA ILE A 115 19.91 22.72 -21.60
C ILE A 115 20.55 23.54 -22.74
N ALA A 116 20.30 23.14 -23.98
CA ALA A 116 20.82 23.84 -25.17
C ALA A 116 20.37 25.30 -25.25
N GLU A 117 19.07 25.53 -24.99
CA GLU A 117 18.49 26.88 -24.99
C GLU A 117 19.01 27.75 -23.84
N ALA A 118 19.36 27.14 -22.71
CA ALA A 118 20.00 27.84 -21.60
C ALA A 118 21.42 28.29 -21.95
N ILE A 119 22.14 27.43 -22.66
CA ILE A 119 23.49 27.72 -23.17
C ILE A 119 23.46 28.82 -24.24
N ARG A 120 22.43 28.80 -25.10
CA ARG A 120 22.22 29.83 -26.12
C ARG A 120 21.96 31.21 -25.52
N LYS A 121 21.12 31.28 -24.49
CA LYS A 121 20.88 32.53 -23.75
C LYS A 121 22.11 33.00 -22.97
N LYS A 122 22.90 32.05 -22.46
CA LYS A 122 24.21 32.36 -21.85
C LYS A 122 25.21 32.85 -22.91
N THR A 123 25.14 32.28 -24.12
CA THR A 123 25.97 32.73 -25.25
C THR A 123 25.52 34.11 -25.77
N ARG A 124 24.21 34.36 -25.75
CA ARG A 124 23.66 35.70 -26.06
C ARG A 124 24.11 36.78 -25.06
N SER A 125 24.35 36.37 -23.82
CA SER A 125 24.87 37.26 -22.77
C SER A 125 26.36 37.64 -22.94
N MET A 126 27.07 36.97 -23.86
CA MET A 126 28.51 37.23 -24.09
C MET A 126 28.76 38.64 -24.65
N GLY A 142 26.19 17.22 -24.66
CA GLY A 142 25.52 16.41 -23.64
C GLY A 142 26.39 16.12 -22.41
N LYS A 143 27.05 17.17 -21.92
CA LYS A 143 27.92 17.10 -20.73
C LYS A 143 27.27 17.68 -19.46
N TYR A 144 26.03 18.14 -19.57
CA TYR A 144 25.29 18.74 -18.45
C TYR A 144 24.02 17.95 -18.13
N ILE A 145 23.49 18.18 -16.93
CA ILE A 145 22.19 17.65 -16.49
C ILE A 145 21.44 18.66 -15.64
N LEU A 146 20.11 18.58 -15.67
CA LEU A 146 19.25 19.49 -14.91
C LEU A 146 18.86 18.89 -13.56
N LYS A 147 18.94 19.72 -12.52
CA LYS A 147 18.57 19.36 -11.15
C LYS A 147 17.46 20.33 -10.72
N VAL A 148 16.55 19.87 -9.86
CA VAL A 148 15.56 20.75 -9.25
C VAL A 148 16.28 21.58 -8.17
N CYS A 149 16.06 22.89 -8.20
CA CYS A 149 16.63 23.79 -7.19
C CYS A 149 16.02 23.49 -5.82
N GLY A 150 16.87 23.30 -4.82
CA GLY A 150 16.42 23.12 -3.43
C GLY A 150 16.28 21.68 -2.93
N CYS A 151 16.36 20.69 -3.83
CA CYS A 151 16.33 19.27 -3.42
C CYS A 151 17.08 18.37 -4.40
N ASP A 152 17.38 17.14 -3.95
CA ASP A 152 18.18 16.17 -4.73
C ASP A 152 17.31 15.39 -5.71
N GLU A 153 16.77 16.10 -6.70
CA GLU A 153 15.95 15.51 -7.75
C GLU A 153 16.54 15.92 -9.10
N TYR A 154 16.73 14.95 -9.99
CA TYR A 154 17.44 15.14 -11.25
C TYR A 154 16.60 14.69 -12.44
N PHE A 155 16.95 15.23 -13.61
CA PHE A 155 16.24 15.00 -14.86
C PHE A 155 17.20 14.24 -15.77
N LEU A 156 17.49 13.01 -15.39
CA LEU A 156 18.53 12.20 -16.05
C LEU A 156 18.05 11.46 -17.30
N GLU A 157 16.73 11.42 -17.53
CA GLU A 157 16.14 10.65 -18.63
C GLU A 157 15.40 11.54 -19.64
N LYS A 158 15.34 11.07 -20.88
CA LYS A 158 14.78 11.82 -22.02
C LYS A 158 13.25 11.76 -22.07
N TYR A 159 12.61 12.36 -21.06
CA TYR A 159 11.16 12.54 -21.03
C TYR A 159 10.83 13.96 -21.51
N PRO A 160 9.57 14.20 -21.92
CA PRO A 160 9.12 15.59 -22.06
C PRO A 160 9.09 16.29 -20.70
N LEU A 161 9.51 17.56 -20.66
CA LEU A 161 9.68 18.32 -19.42
C LEU A 161 8.42 18.32 -18.53
N SER A 162 7.26 18.47 -19.16
CA SER A 162 5.97 18.50 -18.47
C SER A 162 5.58 17.18 -17.77
N GLN A 163 6.16 16.05 -18.19
CA GLN A 163 5.89 14.75 -17.58
C GLN A 163 6.57 14.58 -16.21
N TYR A 164 7.67 15.30 -15.98
CA TYR A 164 8.28 15.36 -14.65
C TYR A 164 7.32 16.01 -13.67
N LYS A 165 7.10 15.34 -12.53
CA LYS A 165 6.10 15.76 -11.54
C LYS A 165 6.31 17.16 -10.95
N TYR A 166 7.57 17.58 -10.84
CA TYR A 166 7.90 18.93 -10.38
C TYR A 166 7.33 20.01 -11.30
N ILE A 167 7.46 19.83 -12.63
CA ILE A 167 6.98 20.81 -13.60
C ILE A 167 5.45 20.80 -13.70
N ARG A 168 4.85 19.61 -13.74
CA ARG A 168 3.39 19.50 -13.77
C ARG A 168 2.74 20.11 -12.52
N SER A 169 3.39 19.92 -11.37
CA SER A 169 3.01 20.60 -10.12
C SER A 169 3.17 22.12 -10.24
N CYS A 170 4.26 22.56 -10.85
CA CYS A 170 4.50 24.01 -11.09
C CYS A 170 3.46 24.63 -12.02
N ILE A 171 3.06 23.90 -13.08
CA ILE A 171 2.04 24.36 -14.02
C ILE A 171 0.67 24.43 -13.33
N MET A 172 0.28 23.34 -12.67
CA MET A 172 -1.00 23.25 -11.94
C MET A 172 -1.16 24.32 -10.86
N LEU A 173 -0.10 24.55 -10.08
CA LEU A 173 -0.12 25.53 -8.98
C LEU A 173 0.22 26.96 -9.40
N GLY A 174 0.62 27.15 -10.66
CA GLY A 174 1.01 28.48 -11.16
C GLY A 174 2.29 29.01 -10.55
N ARG A 175 3.27 28.12 -10.39
CA ARG A 175 4.58 28.46 -9.80
C ARG A 175 5.67 28.39 -10.87
N MET A 176 6.73 29.16 -10.66
CA MET A 176 7.85 29.23 -11.59
C MET A 176 8.81 28.05 -11.35
N PRO A 177 9.02 27.17 -12.36
CA PRO A 177 10.00 26.11 -12.20
C PRO A 177 11.44 26.64 -12.20
N ASN A 178 12.20 26.29 -11.17
CA ASN A 178 13.58 26.71 -11.01
C ASN A 178 14.50 25.49 -11.04
N LEU A 179 15.27 25.36 -12.12
CA LEU A 179 16.19 24.24 -12.32
C LEU A 179 17.63 24.72 -12.27
N MET A 180 18.53 23.85 -11.79
CA MET A 180 19.95 24.16 -11.70
C MET A 180 20.71 23.32 -12.71
N LEU A 181 21.47 23.98 -13.58
CA LEU A 181 22.34 23.31 -14.53
C LEU A 181 23.55 22.79 -13.77
N MET A 182 23.84 21.51 -13.93
CA MET A 182 24.94 20.85 -13.22
C MET A 182 25.74 19.99 -14.19
N ALA A 183 27.05 19.88 -13.96
CA ALA A 183 27.92 19.04 -14.77
C ALA A 183 27.68 17.58 -14.43
N LYS A 184 27.61 16.73 -15.46
CA LYS A 184 27.39 15.28 -15.29
C LYS A 184 28.44 14.63 -14.39
N GLU A 185 29.71 14.99 -14.60
CA GLU A 185 30.82 14.43 -13.83
C GLU A 185 30.81 14.84 -12.35
N SER A 186 30.24 16.01 -12.05
CA SER A 186 30.04 16.45 -10.66
C SER A 186 29.04 15.57 -9.91
N LEU A 187 28.01 15.10 -10.61
CA LEU A 187 27.05 14.15 -10.03
C LEU A 187 27.65 12.75 -9.92
N TYR A 188 28.23 12.27 -11.02
CA TYR A 188 28.77 10.89 -11.09
C TYR A 188 29.87 10.62 -10.07
N SER A 189 30.75 11.61 -9.88
CA SER A 189 31.84 11.52 -8.90
C SER A 189 31.34 11.42 -7.45
N GLN A 190 30.16 11.98 -7.18
CA GLN A 190 29.52 11.82 -5.87
C GLN A 190 28.98 10.41 -5.65
N LEU A 191 28.52 9.75 -6.72
CA LEU A 191 27.98 8.39 -6.65
C LEU A 191 29.10 7.34 -6.54
N PRO A 192 29.19 6.63 -5.40
CA PRO A 192 30.27 5.67 -5.22
C PRO A 192 29.95 4.29 -5.79
N MET A 193 30.98 3.58 -6.24
CA MET A 193 30.85 2.21 -6.71
C MET A 193 30.83 1.27 -5.51
N ASP A 194 29.70 0.58 -5.33
CA ASP A 194 29.55 -0.42 -4.28
C ASP A 194 29.67 -1.80 -4.91
N CYS A 195 30.70 -2.55 -4.52
CA CYS A 195 30.92 -3.91 -5.01
C CYS A 195 30.04 -4.88 -4.23
N PHE A 196 29.00 -5.42 -4.89
CA PHE A 196 28.10 -6.40 -4.27
C PHE A 196 28.84 -7.73 -4.08
N THR A 197 28.81 -8.24 -2.86
CA THR A 197 29.48 -9.50 -2.50
C THR A 197 28.42 -10.49 -2.01
N MET A 198 28.53 -11.74 -2.47
CA MET A 198 27.64 -12.81 -2.01
C MET A 198 28.05 -13.25 -0.60
N PRO A 199 27.06 -13.43 0.31
CA PRO A 199 27.35 -13.83 1.70
C PRO A 199 27.81 -15.28 1.85
N SER A 200 28.27 -15.62 3.05
CA SER A 200 28.78 -16.97 3.38
C SER A 200 27.74 -18.07 3.18
N TYR A 201 26.49 -17.78 3.53
CA TYR A 201 25.38 -18.74 3.38
C TYR A 201 24.94 -19.02 1.92
N SER A 202 25.54 -18.34 0.95
CA SER A 202 25.40 -18.67 -0.47
C SER A 202 25.94 -20.06 -0.81
N ARG A 203 27.13 -20.37 -0.27
CA ARG A 203 27.80 -21.65 -0.52
C ARG A 203 27.22 -22.77 0.35
N ARG A 204 26.24 -23.50 -0.20
CA ARG A 204 25.65 -24.66 0.47
C ARG A 204 26.64 -25.84 0.45
N THR A 216 11.25 -46.02 1.37
CA THR A 216 10.23 -45.11 0.86
C THR A 216 10.50 -44.65 -0.58
N SER A 217 9.47 -44.08 -1.19
CA SER A 217 9.54 -43.56 -2.57
C SER A 217 8.91 -42.16 -2.63
N THR A 218 8.81 -41.62 -3.85
CA THR A 218 8.08 -40.37 -4.11
C THR A 218 6.89 -40.69 -5.01
N LYS A 219 5.69 -40.25 -4.61
CA LYS A 219 4.46 -40.50 -5.34
C LYS A 219 3.64 -39.22 -5.52
N SER A 220 2.84 -39.17 -6.58
CA SER A 220 2.00 -38.02 -6.88
C SER A 220 0.77 -37.97 -5.96
N LEU A 221 0.27 -36.76 -5.75
CA LEU A 221 -0.95 -36.52 -4.96
C LEU A 221 -2.16 -37.25 -5.52
N TRP A 222 -2.30 -37.23 -6.84
CA TRP A 222 -3.48 -37.78 -7.52
C TRP A 222 -3.54 -39.31 -7.54
N VAL A 223 -2.45 -39.98 -7.22
CA VAL A 223 -2.41 -41.44 -7.14
C VAL A 223 -2.40 -41.86 -5.65
N ILE A 224 -3.25 -41.21 -4.86
CA ILE A 224 -3.47 -41.56 -3.44
C ILE A 224 -4.97 -41.71 -3.22
N ASN A 225 -5.47 -42.94 -3.35
CA ASN A 225 -6.88 -43.24 -3.17
C ASN A 225 -7.23 -43.25 -1.68
N SER A 226 -7.45 -42.06 -1.12
CA SER A 226 -7.77 -41.91 0.30
C SER A 226 -8.41 -40.55 0.62
N ALA A 227 -9.34 -40.56 1.57
CA ALA A 227 -9.93 -39.31 2.11
C ALA A 227 -8.97 -38.68 3.11
N LEU A 228 -9.12 -37.38 3.32
CA LEU A 228 -8.22 -36.62 4.21
C LEU A 228 -8.50 -36.94 5.67
N ARG A 229 -7.46 -37.35 6.39
CA ARG A 229 -7.49 -37.53 7.85
C ARG A 229 -6.39 -36.69 8.49
N ILE A 230 -6.67 -36.13 9.66
CA ILE A 230 -5.65 -35.44 10.48
C ILE A 230 -5.88 -35.80 11.95
N LYS A 231 -4.78 -36.21 12.62
CA LYS A 231 -4.83 -36.57 14.03
C LYS A 231 -4.43 -35.39 14.92
N ILE A 232 -5.29 -35.07 15.90
CA ILE A 232 -5.00 -34.09 16.94
C ILE A 232 -4.61 -34.87 18.19
N LEU A 233 -3.36 -34.70 18.63
CA LEU A 233 -2.83 -35.43 19.78
C LEU A 233 -3.18 -34.73 21.10
N CYS A 234 -2.55 -33.58 21.35
CA CYS A 234 -2.70 -32.89 22.64
C CYS A 234 -2.22 -31.45 22.57
N ALA A 235 -2.57 -30.67 23.58
CA ALA A 235 -2.13 -29.28 23.72
C ALA A 235 -1.28 -29.13 24.99
N THR A 236 -0.33 -28.19 24.93
CA THR A 236 0.46 -27.78 26.10
C THR A 236 0.47 -26.26 26.19
N TYR A 237 0.86 -25.72 27.35
CA TYR A 237 0.76 -24.29 27.68
C TYR A 237 -0.68 -23.76 27.57
N VAL A 238 -1.64 -24.58 27.99
CA VAL A 238 -3.06 -24.19 28.04
C VAL A 238 -3.36 -23.67 29.44
N ASN A 239 -2.97 -22.42 29.68
CA ASN A 239 -3.13 -21.76 30.98
C ASN A 239 -4.38 -20.89 30.99
N VAL A 240 -5.27 -21.17 31.95
CA VAL A 240 -6.55 -20.46 32.08
C VAL A 240 -6.96 -20.34 33.55
N ASN A 241 -8.05 -19.60 33.80
CA ASN A 241 -8.56 -19.41 35.17
C ASN A 241 -9.18 -20.67 35.76
N ILE A 248 -13.17 -27.68 26.95
CA ILE A 248 -12.60 -27.17 25.71
C ILE A 248 -12.51 -28.23 24.60
N TYR A 249 -12.25 -27.77 23.38
CA TYR A 249 -12.07 -28.65 22.22
C TYR A 249 -11.26 -27.95 21.10
N VAL A 250 -10.72 -28.74 20.18
CA VAL A 250 -10.05 -28.21 18.99
C VAL A 250 -11.02 -28.24 17.80
N ARG A 251 -11.40 -27.05 17.32
CA ARG A 251 -12.13 -26.92 16.06
C ARG A 251 -11.14 -26.90 14.90
N THR A 252 -11.50 -27.56 13.79
CA THR A 252 -10.68 -27.58 12.58
C THR A 252 -11.52 -27.38 11.32
N GLY A 253 -10.84 -26.96 10.26
CA GLY A 253 -11.45 -26.86 8.94
C GLY A 253 -10.38 -26.79 7.85
N ILE A 254 -10.76 -27.17 6.64
CA ILE A 254 -9.87 -27.09 5.48
C ILE A 254 -10.39 -25.97 4.59
N TYR A 255 -9.50 -25.04 4.25
CA TYR A 255 -9.87 -23.80 3.56
C TYR A 255 -8.97 -23.53 2.35
N HIS A 256 -9.57 -22.97 1.31
CA HIS A 256 -8.84 -22.35 0.21
C HIS A 256 -9.13 -20.85 0.34
N GLY A 257 -8.18 -20.13 0.92
CA GLY A 257 -8.37 -18.72 1.27
C GLY A 257 -9.34 -18.62 2.43
N GLY A 258 -10.40 -17.82 2.25
CA GLY A 258 -11.49 -17.73 3.23
C GLY A 258 -12.67 -18.66 2.95
N GLU A 259 -12.55 -19.50 1.92
CA GLU A 259 -13.63 -20.37 1.46
C GLU A 259 -13.41 -21.78 1.98
N PRO A 260 -14.42 -22.37 2.68
CA PRO A 260 -14.25 -23.75 3.15
C PRO A 260 -14.36 -24.73 1.99
N LEU A 261 -13.49 -25.74 1.99
CA LEU A 261 -13.51 -26.82 1.00
C LEU A 261 -14.35 -28.01 1.46
N CYS A 262 -14.66 -28.06 2.75
CA CYS A 262 -15.58 -29.05 3.32
C CYS A 262 -16.10 -28.54 4.66
N ASP A 263 -16.96 -29.33 5.32
CA ASP A 263 -17.47 -28.98 6.65
C ASP A 263 -16.35 -29.01 7.70
N ASN A 264 -16.48 -28.12 8.68
CA ASN A 264 -15.58 -28.10 9.84
C ASN A 264 -15.79 -29.35 10.70
N VAL A 265 -14.69 -29.88 11.24
CA VAL A 265 -14.74 -31.06 12.11
C VAL A 265 -14.16 -30.68 13.48
N ASN A 266 -14.93 -30.96 14.54
CA ASN A 266 -14.51 -30.70 15.92
C ASN A 266 -14.05 -31.98 16.61
N THR A 267 -13.15 -31.82 17.58
CA THR A 267 -12.82 -32.90 18.52
C THR A 267 -13.92 -33.00 19.57
N GLN A 268 -13.89 -34.09 20.34
CA GLN A 268 -14.77 -34.27 21.49
C GLN A 268 -14.36 -33.30 22.62
N ARG A 269 -15.33 -32.94 23.45
CA ARG A 269 -15.09 -31.99 24.55
C ARG A 269 -14.25 -32.61 25.65
N VAL A 270 -13.36 -31.80 26.22
CA VAL A 270 -12.36 -32.25 27.19
C VAL A 270 -12.09 -31.09 28.17
N PRO A 271 -11.90 -31.40 29.48
CA PRO A 271 -11.54 -30.34 30.43
C PRO A 271 -10.12 -29.81 30.21
N CYS A 272 -9.93 -28.52 30.46
CA CYS A 272 -8.64 -27.84 30.20
C CYS A 272 -7.47 -28.28 31.09
N SER A 273 -7.77 -29.01 32.17
CA SER A 273 -6.75 -29.61 33.03
C SER A 273 -5.97 -30.74 32.34
N ASN A 274 -6.59 -31.40 31.35
CA ASN A 274 -5.96 -32.49 30.61
C ASN A 274 -6.38 -32.46 29.13
N PRO A 275 -5.81 -31.53 28.34
CA PRO A 275 -6.13 -31.42 26.92
C PRO A 275 -5.36 -32.45 26.09
N ARG A 276 -5.89 -33.69 26.08
CA ARG A 276 -5.33 -34.79 25.31
C ARG A 276 -6.47 -35.51 24.58
N TRP A 277 -6.61 -35.23 23.28
CA TRP A 277 -7.74 -35.73 22.48
C TRP A 277 -7.44 -37.06 21.80
N ASN A 278 -6.32 -37.10 21.07
CA ASN A 278 -5.87 -38.30 20.34
C ASN A 278 -6.93 -38.85 19.36
N GLU A 279 -7.57 -37.95 18.61
CA GLU A 279 -8.62 -38.32 17.66
C GLU A 279 -8.16 -38.12 16.22
N TRP A 280 -8.43 -39.11 15.37
CA TRP A 280 -8.33 -38.96 13.92
C TRP A 280 -9.60 -38.27 13.42
N LEU A 281 -9.49 -36.98 13.09
CA LEU A 281 -10.60 -36.23 12.49
C LEU A 281 -10.70 -36.56 11.00
N ASN A 282 -11.91 -36.87 10.54
CA ASN A 282 -12.17 -37.26 9.16
C ASN A 282 -12.88 -36.14 8.41
N TYR A 283 -12.28 -35.70 7.32
CA TYR A 283 -12.82 -34.59 6.51
C TYR A 283 -13.41 -35.12 5.21
N ASP A 284 -14.45 -34.44 4.72
CA ASP A 284 -15.13 -34.84 3.49
C ASP A 284 -14.42 -34.25 2.25
N ILE A 285 -13.17 -34.68 2.04
CA ILE A 285 -12.41 -34.37 0.83
C ILE A 285 -11.53 -35.56 0.42
N TYR A 286 -11.55 -35.85 -0.87
CA TYR A 286 -10.64 -36.81 -1.49
C TYR A 286 -9.27 -36.11 -1.59
N ILE A 287 -8.20 -36.79 -1.21
CA ILE A 287 -6.84 -36.20 -1.18
C ILE A 287 -6.37 -35.63 -2.53
N PRO A 288 -6.53 -36.39 -3.63
CA PRO A 288 -6.33 -35.85 -4.99
C PRO A 288 -7.02 -34.53 -5.34
N ASP A 289 -8.16 -34.25 -4.71
CA ASP A 289 -8.89 -32.98 -4.92
C ASP A 289 -8.39 -31.78 -4.09
N LEU A 290 -7.40 -31.98 -3.22
CA LEU A 290 -6.83 -30.88 -2.44
C LEU A 290 -6.12 -29.87 -3.35
N PRO A 291 -6.58 -28.60 -3.37
CA PRO A 291 -5.89 -27.60 -4.19
C PRO A 291 -4.52 -27.24 -3.60
N ARG A 292 -3.65 -26.70 -4.45
CA ARG A 292 -2.28 -26.34 -4.06
C ARG A 292 -2.26 -25.46 -2.80
N ALA A 293 -3.13 -24.46 -2.75
CA ALA A 293 -3.19 -23.51 -1.63
C ALA A 293 -4.11 -23.94 -0.47
N ALA A 294 -4.42 -25.23 -0.36
CA ALA A 294 -5.24 -25.76 0.75
C ALA A 294 -4.53 -25.62 2.09
N ARG A 295 -5.28 -25.18 3.11
CA ARG A 295 -4.75 -24.94 4.45
C ARG A 295 -5.62 -25.58 5.52
N LEU A 296 -4.96 -26.14 6.53
CA LEU A 296 -5.63 -26.55 7.76
C LEU A 296 -5.75 -25.31 8.64
N CYS A 297 -6.99 -24.91 8.93
CA CYS A 297 -7.27 -23.85 9.88
C CYS A 297 -7.82 -24.49 11.13
N LEU A 298 -7.28 -24.13 12.30
CA LEU A 298 -7.74 -24.69 13.57
C LEU A 298 -7.77 -23.68 14.71
N SER A 299 -8.45 -24.07 15.80
CA SER A 299 -8.51 -23.26 17.01
C SER A 299 -8.90 -24.09 18.23
N ILE A 300 -8.37 -23.72 19.39
CA ILE A 300 -8.83 -24.24 20.67
C ILE A 300 -9.97 -23.33 21.12
N CYS A 301 -11.15 -23.92 21.32
CA CYS A 301 -12.35 -23.19 21.76
C CYS A 301 -12.81 -23.67 23.14
N SER A 302 -13.60 -22.82 23.81
CA SER A 302 -14.26 -23.15 25.06
C SER A 302 -15.77 -23.13 24.85
N VAL A 303 -16.48 -24.05 25.51
CA VAL A 303 -17.94 -24.14 25.43
C VAL A 303 -18.55 -23.39 26.61
N GLU A 311 -26.10 -22.36 24.21
CA GLU A 311 -24.66 -22.32 24.47
C GLU A 311 -23.98 -21.08 23.88
N GLU A 312 -22.78 -20.80 24.39
CA GLU A 312 -21.96 -19.68 23.94
C GLU A 312 -20.51 -20.12 23.75
N HIS A 313 -20.17 -20.51 22.53
CA HIS A 313 -18.80 -20.92 22.17
C HIS A 313 -17.90 -19.68 22.08
N CYS A 314 -16.60 -19.90 22.26
CA CYS A 314 -15.62 -18.81 22.28
C CYS A 314 -14.19 -19.32 21.99
N PRO A 315 -13.50 -18.70 20.99
CA PRO A 315 -12.13 -19.14 20.68
C PRO A 315 -11.11 -18.62 21.70
N LEU A 316 -10.21 -19.52 22.14
CA LEU A 316 -9.15 -19.18 23.10
C LEU A 316 -7.84 -18.88 22.37
N ALA A 317 -7.51 -19.71 21.39
CA ALA A 317 -6.33 -19.49 20.53
C ALA A 317 -6.54 -20.16 19.17
N TRP A 318 -5.87 -19.62 18.15
CA TRP A 318 -6.01 -20.09 16.77
C TRP A 318 -4.66 -20.33 16.10
N GLY A 319 -4.68 -21.10 15.01
CA GLY A 319 -3.49 -21.34 14.19
C GLY A 319 -3.83 -21.94 12.85
N ASN A 320 -3.10 -21.53 11.80
CA ASN A 320 -3.28 -22.02 10.43
C ASN A 320 -2.01 -22.67 9.90
N ILE A 321 -2.18 -23.70 9.07
CA ILE A 321 -1.07 -24.48 8.51
C ILE A 321 -1.30 -24.69 7.01
N ASN A 322 -0.23 -24.62 6.21
CA ASN A 322 -0.27 -25.01 4.80
C ASN A 322 -0.24 -26.53 4.69
N LEU A 323 -1.21 -27.12 3.98
CA LEU A 323 -1.24 -28.57 3.79
C LEU A 323 -0.15 -29.09 2.85
N PHE A 324 0.41 -28.21 2.01
CA PHE A 324 1.61 -28.50 1.23
C PHE A 324 2.70 -27.51 1.62
N ASP A 325 3.93 -27.99 1.76
CA ASP A 325 5.06 -27.11 2.09
C ASP A 325 5.60 -26.40 0.84
N TYR A 326 6.63 -25.57 1.03
CA TYR A 326 7.23 -24.78 -0.07
C TYR A 326 7.84 -25.59 -1.23
N THR A 327 8.17 -26.86 -0.98
CA THR A 327 8.71 -27.77 -2.00
C THR A 327 7.62 -28.60 -2.72
N ASP A 328 6.35 -28.19 -2.60
CA ASP A 328 5.17 -28.92 -3.12
C ASP A 328 4.86 -30.25 -2.39
N THR A 329 5.45 -30.48 -1.21
CA THR A 329 5.29 -31.74 -0.49
C THR A 329 4.12 -31.66 0.50
N LEU A 330 3.22 -32.65 0.43
CA LEU A 330 2.11 -32.77 1.38
C LEU A 330 2.67 -33.05 2.78
N VAL A 331 2.10 -32.39 3.79
CA VAL A 331 2.62 -32.49 5.16
C VAL A 331 2.38 -33.91 5.69
N SER A 332 3.37 -34.44 6.38
CA SER A 332 3.38 -35.82 6.85
C SER A 332 4.06 -35.92 8.22
N GLY A 333 3.76 -36.99 8.94
CA GLY A 333 4.37 -37.26 10.24
C GLY A 333 3.83 -36.36 11.35
N LYS A 334 4.64 -36.20 12.40
CA LYS A 334 4.27 -35.40 13.56
C LYS A 334 4.65 -33.92 13.38
N MET A 335 3.86 -33.04 14.01
CA MET A 335 4.08 -31.60 13.94
C MET A 335 3.55 -30.93 15.21
N ALA A 336 4.17 -29.81 15.60
CA ALA A 336 3.72 -29.01 16.75
C ALA A 336 3.50 -27.56 16.30
N LEU A 337 2.29 -27.05 16.53
CA LEU A 337 1.91 -25.69 16.13
C LEU A 337 1.63 -24.83 17.36
N ASN A 338 2.48 -23.82 17.59
CA ASN A 338 2.23 -22.79 18.60
C ASN A 338 1.19 -21.78 18.09
N LEU A 339 0.16 -21.56 18.91
CA LEU A 339 -1.03 -20.82 18.50
C LEU A 339 -0.95 -19.33 18.85
N TRP A 340 -1.88 -18.56 18.29
CA TRP A 340 -1.93 -17.10 18.44
C TRP A 340 -3.12 -16.67 19.31
N PRO A 341 -3.03 -15.49 19.94
CA PRO A 341 -4.17 -14.95 20.69
C PRO A 341 -5.25 -14.38 19.77
N VAL A 342 -6.51 -14.46 20.21
CA VAL A 342 -7.64 -13.96 19.40
C VAL A 342 -7.65 -12.41 19.34
N PRO A 343 -7.87 -11.84 18.13
CA PRO A 343 -7.90 -10.37 18.01
C PRO A 343 -9.21 -9.77 18.51
N ASP A 348 -15.92 -15.13 15.16
CA ASP A 348 -15.79 -16.44 14.53
C ASP A 348 -14.85 -17.36 15.31
N LEU A 349 -15.13 -18.66 15.27
CA LEU A 349 -14.36 -19.66 16.01
C LEU A 349 -13.02 -19.99 15.34
N LEU A 350 -13.00 -20.00 14.01
CA LEU A 350 -11.76 -20.12 13.23
C LEU A 350 -11.33 -18.77 12.64
N ASN A 351 -10.08 -18.71 12.20
CA ASN A 351 -9.47 -17.48 11.66
C ASN A 351 -8.66 -17.76 10.38
N PRO A 352 -9.36 -18.15 9.28
CA PRO A 352 -8.67 -18.40 8.00
C PRO A 352 -8.10 -17.15 7.32
N ILE A 353 -8.59 -15.96 7.67
CA ILE A 353 -7.96 -14.70 7.23
C ILE A 353 -6.57 -14.53 7.87
N GLY A 354 -6.40 -15.05 9.08
CA GLY A 354 -5.13 -14.96 9.82
C GLY A 354 -3.95 -15.65 9.15
N VAL A 355 -2.74 -15.26 9.57
CA VAL A 355 -1.49 -15.73 8.96
C VAL A 355 -1.20 -17.20 9.29
N THR A 356 -0.54 -17.86 8.33
CA THR A 356 -0.18 -19.27 8.44
C THR A 356 1.20 -19.41 9.06
N GLY A 357 1.41 -20.50 9.79
CA GLY A 357 2.69 -20.80 10.45
C GLY A 357 2.64 -20.71 11.97
N SER A 358 3.69 -21.22 12.62
CA SER A 358 3.76 -21.26 14.08
C SER A 358 4.03 -19.89 14.70
N ASN A 359 3.49 -19.68 15.90
CA ASN A 359 3.80 -18.52 16.72
C ASN A 359 5.29 -18.60 17.11
N PRO A 360 6.09 -17.56 16.77
CA PRO A 360 7.49 -17.56 17.21
C PRO A 360 7.66 -17.52 18.74
N ASN A 361 6.67 -16.96 19.44
CA ASN A 361 6.61 -17.06 20.91
C ASN A 361 6.22 -18.50 21.27
N LYS A 362 7.15 -19.22 21.90
CA LYS A 362 6.95 -20.62 22.28
C LYS A 362 6.36 -20.79 23.69
N GLU A 363 6.12 -19.67 24.37
CA GLU A 363 5.40 -19.65 25.66
C GLU A 363 3.93 -19.33 25.40
N THR A 364 3.30 -20.16 24.58
CA THR A 364 1.92 -19.97 24.11
C THR A 364 1.28 -21.35 23.88
N PRO A 365 -0.06 -21.43 23.88
CA PRO A 365 -0.75 -22.70 23.59
C PRO A 365 -0.16 -23.43 22.37
N CYS A 366 0.21 -24.70 22.56
CA CYS A 366 0.93 -25.48 21.55
C CYS A 366 0.25 -26.83 21.28
N LEU A 367 -0.53 -26.88 20.20
CA LEU A 367 -1.22 -28.11 19.79
C LEU A 367 -0.27 -29.03 19.03
N GLU A 368 -0.23 -30.30 19.44
CA GLU A 368 0.55 -31.33 18.76
C GLU A 368 -0.36 -32.08 17.78
N LEU A 369 0.12 -32.22 16.54
CA LEU A 369 -0.66 -32.80 15.44
C LEU A 369 0.11 -33.92 14.77
N GLU A 370 -0.62 -34.90 14.22
CA GLU A 370 -0.05 -35.93 13.36
C GLU A 370 -0.88 -36.09 12.09
N PHE A 371 -0.19 -36.11 10.96
CA PHE A 371 -0.80 -36.27 9.64
C PHE A 371 -0.65 -37.71 9.16
N ASP A 372 -1.31 -38.03 8.04
CA ASP A 372 -1.32 -39.40 7.49
C ASP A 372 0.05 -39.84 6.96
N TRP A 373 0.18 -41.15 6.77
CA TRP A 373 1.40 -41.77 6.24
C TRP A 373 1.02 -42.75 5.13
N PHE A 374 1.67 -42.61 3.97
CA PHE A 374 1.39 -43.42 2.78
C PHE A 374 2.62 -44.19 2.26
N SER A 375 3.61 -44.39 3.14
CA SER A 375 4.86 -45.11 2.81
C SER A 375 5.68 -44.48 1.66
N SER A 376 5.53 -43.16 1.48
CA SER A 376 6.17 -42.43 0.38
C SER A 376 6.02 -40.93 0.58
N VAL A 377 6.92 -40.18 -0.06
CA VAL A 377 6.86 -38.72 -0.06
C VAL A 377 5.79 -38.29 -1.06
N VAL A 378 4.73 -37.66 -0.55
CA VAL A 378 3.61 -37.21 -1.38
C VAL A 378 3.88 -35.79 -1.88
N LYS A 379 3.96 -35.64 -3.21
CA LYS A 379 4.16 -34.33 -3.84
C LYS A 379 2.99 -33.93 -4.73
N PHE A 380 2.75 -32.62 -4.83
CA PHE A 380 1.75 -32.05 -5.73
C PHE A 380 2.22 -32.25 -7.18
N PRO A 381 1.29 -32.57 -8.12
CA PRO A 381 1.75 -32.88 -9.48
C PRO A 381 2.35 -31.69 -10.24
N ASP A 382 3.19 -31.99 -11.23
CA ASP A 382 3.81 -30.97 -12.09
C ASP A 382 2.78 -30.40 -13.06
N MET A 383 3.12 -29.27 -13.69
CA MET A 383 2.23 -28.63 -14.67
C MET A 383 1.99 -29.45 -15.94
N SER A 384 2.95 -30.30 -16.29
CA SER A 384 2.77 -31.26 -17.39
C SER A 384 1.64 -32.25 -17.10
N VAL A 385 1.60 -32.76 -15.87
CA VAL A 385 0.54 -33.68 -15.41
C VAL A 385 -0.81 -32.96 -15.33
N ILE A 386 -0.80 -31.72 -14.86
CA ILE A 386 -2.02 -30.89 -14.74
C ILE A 386 -2.59 -30.53 -16.10
N GLU A 387 -1.73 -30.11 -17.03
CA GLU A 387 -2.15 -29.73 -18.39
C GLU A 387 -2.78 -30.89 -19.16
N GLU A 388 -2.14 -32.06 -19.08
CA GLU A 388 -2.67 -33.28 -19.71
C GLU A 388 -4.04 -33.69 -19.14
N HIS A 389 -4.22 -33.52 -17.83
CA HIS A 389 -5.50 -33.83 -17.18
C HIS A 389 -6.59 -32.84 -17.58
N ALA A 390 -6.25 -31.56 -17.64
CA ALA A 390 -7.15 -30.52 -18.14
C ALA A 390 -7.55 -30.76 -19.59
N ASN A 391 -6.56 -31.06 -20.43
CA ASN A 391 -6.81 -31.42 -21.84
C ASN A 391 -7.72 -32.63 -21.99
N TRP A 392 -7.54 -33.63 -21.11
CA TRP A 392 -8.41 -34.81 -21.07
C TRP A 392 -9.86 -34.46 -20.70
N SER A 393 -10.02 -33.56 -19.72
CA SER A 393 -11.35 -33.14 -19.25
C SER A 393 -12.11 -32.32 -20.30
N VAL A 394 -11.42 -31.33 -20.88
CA VAL A 394 -11.99 -30.47 -21.92
C VAL A 394 -12.51 -31.26 -23.12
N SER A 395 -11.70 -32.22 -23.60
CA SER A 395 -12.08 -33.06 -24.74
C SER A 395 -13.24 -34.00 -24.40
N ARG A 396 -13.24 -34.53 -23.18
CA ARG A 396 -14.35 -35.36 -22.69
C ARG A 396 -15.65 -34.56 -22.57
N GLU A 397 -15.57 -33.35 -22.01
CA GLU A 397 -16.74 -32.47 -21.89
C GLU A 397 -17.28 -32.00 -23.24
N ALA A 398 -16.39 -31.76 -24.19
CA ALA A 398 -16.76 -31.43 -25.58
C ALA A 398 -17.52 -32.57 -26.29
N GLY A 399 -17.29 -33.80 -25.84
CA GLY A 399 -18.04 -34.97 -26.31
C GLY A 399 -19.38 -35.24 -25.62
N PHE A 400 -19.69 -34.50 -24.55
CA PHE A 400 -20.95 -34.71 -23.80
C PHE A 400 -22.19 -34.41 -24.64
N SER A 401 -23.20 -35.26 -24.48
CA SER A 401 -24.48 -35.11 -25.17
C SER A 401 -25.36 -34.05 -24.49
N TYR A 402 -26.48 -33.75 -25.13
CA TYR A 402 -27.48 -32.83 -24.57
C TYR A 402 -27.93 -33.22 -23.16
N SER A 403 -28.30 -34.48 -23.00
CA SER A 403 -28.83 -34.99 -21.73
C SER A 403 -27.76 -35.08 -20.63
N HIS A 404 -26.52 -35.45 -20.99
CA HIS A 404 -25.39 -35.47 -20.04
C HIS A 404 -25.16 -34.06 -19.49
N ALA A 405 -25.03 -33.07 -20.38
CA ALA A 405 -24.86 -31.67 -19.98
C ALA A 405 -26.02 -31.18 -19.11
N GLY A 406 -27.24 -31.67 -19.37
CA GLY A 406 -28.42 -31.39 -18.55
C GLY A 406 -28.36 -31.83 -17.09
N LEU A 407 -27.51 -32.82 -16.78
CA LEU A 407 -27.33 -33.30 -15.39
C LEU A 407 -26.79 -32.25 -14.41
N SER A 408 -26.01 -31.29 -14.92
CA SER A 408 -25.34 -30.28 -14.09
C SER A 408 -25.45 -28.89 -14.72
N ASN A 409 -25.79 -27.89 -13.90
CA ASN A 409 -25.78 -26.49 -14.32
C ASN A 409 -24.37 -25.94 -14.54
N ARG A 410 -23.36 -26.65 -14.02
CA ARG A 410 -21.95 -26.36 -14.29
C ARG A 410 -21.43 -26.91 -15.63
N LEU A 411 -22.28 -27.64 -16.36
CA LEU A 411 -21.97 -28.12 -17.72
C LEU A 411 -22.86 -27.42 -18.73
N ALA A 412 -22.26 -26.89 -19.80
CA ALA A 412 -23.01 -26.26 -20.90
C ALA A 412 -22.48 -26.72 -22.26
N ARG A 413 -23.37 -26.82 -23.24
CA ARG A 413 -22.99 -27.18 -24.61
C ARG A 413 -22.30 -26.01 -25.31
N ASP A 414 -21.40 -26.33 -26.23
CA ASP A 414 -20.57 -25.34 -26.92
C ASP A 414 -21.39 -24.38 -27.80
N ASN A 415 -22.29 -24.94 -28.60
CA ASN A 415 -23.13 -24.17 -29.52
C ASN A 415 -24.54 -23.85 -28.95
N GLU A 416 -24.57 -23.43 -27.69
CA GLU A 416 -25.80 -22.97 -27.03
C GLU A 416 -25.49 -21.77 -26.11
N LEU A 417 -24.80 -20.79 -26.68
CA LEU A 417 -24.47 -19.53 -26.00
C LEU A 417 -25.17 -18.38 -26.74
N ARG A 418 -26.36 -18.04 -26.25
CA ARG A 418 -27.18 -16.98 -26.85
C ARG A 418 -26.65 -15.59 -26.52
N GLU A 419 -27.21 -14.57 -27.17
CA GLU A 419 -26.79 -13.18 -26.97
C GLU A 419 -27.13 -12.63 -25.58
N ASN A 420 -28.24 -13.08 -25.00
CA ASN A 420 -28.65 -12.68 -23.64
C ASN A 420 -27.65 -13.12 -22.57
N ASP A 421 -27.23 -14.38 -22.63
CA ASP A 421 -26.25 -14.90 -21.65
C ASP A 421 -24.85 -14.29 -21.80
N LYS A 422 -24.48 -13.89 -23.02
CA LYS A 422 -23.24 -13.14 -23.25
C LYS A 422 -23.26 -11.75 -22.61
N GLU A 423 -24.39 -11.06 -22.74
CA GLU A 423 -24.58 -9.75 -22.08
C GLU A 423 -24.81 -9.87 -20.57
N GLN A 424 -25.32 -11.02 -20.11
CA GLN A 424 -25.43 -11.33 -18.67
C GLN A 424 -24.04 -11.47 -18.04
N LEU A 425 -23.14 -12.16 -18.73
CA LEU A 425 -21.74 -12.27 -18.31
C LEU A 425 -21.05 -10.91 -18.25
N LYS A 426 -21.30 -10.07 -19.27
CA LYS A 426 -20.80 -8.69 -19.29
C LYS A 426 -21.34 -7.85 -18.13
N ALA A 427 -22.63 -7.98 -17.86
CA ALA A 427 -23.28 -7.29 -16.73
C ALA A 427 -22.68 -7.69 -15.37
N ILE A 428 -22.44 -9.00 -15.19
CA ILE A 428 -21.80 -9.53 -13.98
C ILE A 428 -20.38 -8.97 -13.81
N SER A 429 -19.62 -8.87 -14.91
CA SER A 429 -18.24 -8.38 -14.87
C SER A 429 -18.11 -6.90 -14.47
N THR A 430 -19.14 -6.09 -14.72
CA THR A 430 -19.13 -4.67 -14.33
C THR A 430 -19.38 -4.43 -12.83
N ARG A 431 -19.84 -5.45 -12.11
CA ARG A 431 -20.17 -5.32 -10.69
C ARG A 431 -18.92 -5.26 -9.81
N ASP A 432 -19.05 -4.61 -8.65
CA ASP A 432 -17.91 -4.37 -7.76
C ASP A 432 -17.45 -5.65 -7.03
N PRO A 433 -16.19 -5.68 -6.52
CA PRO A 433 -15.64 -6.88 -5.86
C PRO A 433 -16.40 -7.40 -4.65
N LEU A 434 -17.05 -6.51 -3.89
CA LEU A 434 -17.83 -6.89 -2.71
C LEU A 434 -19.27 -7.33 -3.04
N SER A 435 -19.66 -7.26 -4.32
CA SER A 435 -20.99 -7.70 -4.75
C SER A 435 -21.11 -9.22 -4.68
N GLU A 436 -22.23 -9.70 -4.16
CA GLU A 436 -22.45 -11.14 -3.97
C GLU A 436 -22.69 -11.84 -5.31
N ILE A 437 -21.90 -12.87 -5.59
CA ILE A 437 -22.11 -13.74 -6.74
C ILE A 437 -22.86 -14.96 -6.22
N THR A 438 -24.08 -15.14 -6.68
CA THR A 438 -24.93 -16.26 -6.24
C THR A 438 -24.41 -17.58 -6.80
N GLU A 439 -24.89 -18.68 -6.23
CA GLU A 439 -24.49 -20.02 -6.66
C GLU A 439 -24.91 -20.30 -8.11
N GLN A 440 -26.07 -19.78 -8.51
CA GLN A 440 -26.54 -19.85 -9.91
C GLN A 440 -25.59 -19.13 -10.87
N GLU A 441 -25.14 -17.94 -10.47
CA GLU A 441 -24.18 -17.17 -11.26
C GLU A 441 -22.79 -17.84 -11.32
N LYS A 442 -22.39 -18.48 -10.22
CA LYS A 442 -21.13 -19.25 -10.18
C LYS A 442 -21.15 -20.41 -11.17
N ASP A 443 -22.22 -21.22 -11.13
CA ASP A 443 -22.45 -22.30 -12.10
C ASP A 443 -22.43 -21.76 -13.53
N PHE A 444 -23.17 -20.67 -13.72
CA PHE A 444 -23.27 -19.96 -15.01
C PHE A 444 -21.92 -19.47 -15.53
N LEU A 445 -21.17 -18.77 -14.69
CA LEU A 445 -19.83 -18.26 -15.04
C LEU A 445 -18.85 -19.37 -15.43
N TRP A 446 -18.81 -20.42 -14.61
CA TRP A 446 -17.92 -21.56 -14.87
C TRP A 446 -18.29 -22.29 -16.16
N SER A 447 -19.58 -22.55 -16.38
CA SER A 447 -20.04 -23.22 -17.60
C SER A 447 -19.68 -22.46 -18.89
N HIS A 448 -19.59 -21.12 -18.79
CA HIS A 448 -19.18 -20.26 -19.90
C HIS A 448 -17.77 -19.67 -19.73
N ARG A 449 -16.88 -20.41 -19.07
CA ARG A 449 -15.51 -19.95 -18.78
C ARG A 449 -14.63 -19.70 -20.02
N HIS A 450 -14.89 -20.42 -21.11
CA HIS A 450 -14.15 -20.22 -22.36
C HIS A 450 -14.52 -18.92 -23.06
N TYR A 451 -15.81 -18.54 -22.99
CA TYR A 451 -16.25 -17.22 -23.44
C TYR A 451 -15.69 -16.09 -22.55
N CYS A 452 -15.54 -16.36 -21.24
CA CYS A 452 -14.97 -15.38 -20.29
C CYS A 452 -13.57 -14.88 -20.67
N VAL A 453 -12.82 -15.67 -21.42
CA VAL A 453 -11.51 -15.26 -21.96
C VAL A 453 -11.63 -13.99 -22.82
N THR A 454 -12.74 -13.86 -23.55
CA THR A 454 -12.99 -12.68 -24.41
C THR A 454 -13.35 -11.41 -23.62
N ILE A 455 -13.71 -11.56 -22.34
CA ILE A 455 -13.93 -10.44 -21.41
C ILE A 455 -12.94 -10.62 -20.25
N PRO A 456 -11.65 -10.24 -20.44
CA PRO A 456 -10.59 -10.58 -19.48
C PRO A 456 -10.83 -10.07 -18.05
N GLU A 457 -11.45 -8.90 -17.92
CA GLU A 457 -11.73 -8.28 -16.62
C GLU A 457 -12.64 -9.08 -15.67
N ILE A 458 -13.39 -10.06 -16.20
CA ILE A 458 -14.25 -10.94 -15.39
C ILE A 458 -13.49 -12.01 -14.58
N LEU A 459 -12.17 -12.17 -14.82
CA LEU A 459 -11.38 -13.24 -14.19
C LEU A 459 -11.56 -13.42 -12.67
N PRO A 460 -11.54 -12.32 -11.88
CA PRO A 460 -11.75 -12.47 -10.43
C PRO A 460 -13.10 -13.10 -10.04
N LYS A 461 -14.14 -12.82 -10.84
CA LYS A 461 -15.49 -13.37 -10.63
C LYS A 461 -15.50 -14.87 -10.97
N LEU A 462 -14.93 -15.22 -12.13
CA LEU A 462 -14.79 -16.61 -12.56
C LEU A 462 -13.99 -17.45 -11.56
N LEU A 463 -12.91 -16.88 -11.03
CA LEU A 463 -12.05 -17.59 -10.07
C LEU A 463 -12.78 -17.95 -8.76
N LEU A 464 -13.62 -17.03 -8.26
CA LEU A 464 -14.46 -17.32 -7.09
C LEU A 464 -15.65 -18.25 -7.39
N SER A 465 -15.94 -18.49 -8.68
CA SER A 465 -16.94 -19.45 -9.12
C SER A 465 -16.41 -20.90 -9.20
N VAL A 466 -15.09 -21.07 -9.17
CA VAL A 466 -14.43 -22.37 -9.34
C VAL A 466 -14.67 -23.25 -8.11
N LYS A 467 -14.91 -24.54 -8.33
CA LYS A 467 -14.90 -25.53 -7.24
C LYS A 467 -13.45 -25.91 -6.99
N TRP A 468 -12.86 -25.27 -5.99
CA TRP A 468 -11.45 -25.48 -5.63
C TRP A 468 -11.17 -26.82 -4.96
N ASN A 469 -12.23 -27.49 -4.48
CA ASN A 469 -12.16 -28.88 -4.01
C ASN A 469 -12.42 -29.94 -5.10
N SER A 470 -12.24 -29.56 -6.38
CA SER A 470 -12.35 -30.46 -7.52
C SER A 470 -11.13 -30.29 -8.41
N ARG A 471 -10.28 -31.31 -8.49
CA ARG A 471 -9.06 -31.26 -9.31
C ARG A 471 -9.35 -31.13 -10.81
N ASP A 472 -10.47 -31.72 -11.24
CA ASP A 472 -10.91 -31.64 -12.65
C ASP A 472 -11.13 -30.20 -13.09
N GLU A 473 -11.80 -29.42 -12.26
CA GLU A 473 -12.04 -28.00 -12.55
C GLU A 473 -10.79 -27.14 -12.39
N VAL A 474 -10.08 -27.31 -11.27
CA VAL A 474 -8.90 -26.49 -10.98
C VAL A 474 -7.83 -26.65 -12.07
N ALA A 475 -7.58 -27.89 -12.47
CA ALA A 475 -6.65 -28.18 -13.57
C ALA A 475 -7.01 -27.42 -14.85
N GLN A 476 -8.30 -27.38 -15.20
CA GLN A 476 -8.80 -26.59 -16.32
C GLN A 476 -8.66 -25.08 -16.11
N MET A 477 -8.91 -24.63 -14.88
CA MET A 477 -8.75 -23.21 -14.54
C MET A 477 -7.28 -22.77 -14.65
N TYR A 478 -6.36 -23.64 -14.24
CA TYR A 478 -4.91 -23.41 -14.42
C TYR A 478 -4.52 -23.15 -15.87
N CYS A 479 -5.02 -23.99 -16.78
CA CYS A 479 -4.76 -23.84 -18.22
C CYS A 479 -5.38 -22.58 -18.81
N LEU A 480 -6.54 -22.16 -18.29
CA LEU A 480 -7.14 -20.88 -18.68
C LEU A 480 -6.32 -19.69 -18.18
N VAL A 481 -5.90 -19.74 -16.90
CA VAL A 481 -5.07 -18.68 -16.30
C VAL A 481 -3.73 -18.54 -17.03
N LYS A 482 -3.13 -19.68 -17.41
CA LYS A 482 -1.84 -19.71 -18.12
C LYS A 482 -1.85 -18.86 -19.40
N ASP A 483 -2.88 -19.04 -20.21
CA ASP A 483 -3.05 -18.32 -21.48
C ASP A 483 -4.00 -17.11 -21.38
N TRP A 484 -4.35 -16.69 -20.16
CA TRP A 484 -5.32 -15.62 -19.96
C TRP A 484 -4.73 -14.29 -20.43
N PRO A 485 -5.50 -13.48 -21.21
CA PRO A 485 -4.97 -12.20 -21.67
C PRO A 485 -4.71 -11.19 -20.53
N PRO A 486 -3.86 -10.19 -20.79
CA PRO A 486 -3.46 -9.28 -19.71
C PRO A 486 -4.60 -8.34 -19.31
N ILE A 487 -4.71 -8.08 -18.00
CA ILE A 487 -5.65 -7.09 -17.46
C ILE A 487 -4.87 -5.93 -16.85
N LYS A 488 -5.58 -4.82 -16.58
CA LYS A 488 -4.95 -3.61 -16.05
C LYS A 488 -4.30 -3.87 -14.69
N PRO A 489 -3.15 -3.21 -14.39
CA PRO A 489 -2.49 -3.43 -13.11
C PRO A 489 -3.42 -3.30 -11.89
N GLU A 490 -4.29 -2.28 -11.92
CA GLU A 490 -5.28 -2.06 -10.86
C GLU A 490 -6.27 -3.23 -10.73
N GLN A 491 -6.65 -3.82 -11.85
CA GLN A 491 -7.48 -5.04 -11.86
C GLN A 491 -6.70 -6.28 -11.39
N ALA A 492 -5.42 -6.36 -11.77
CA ALA A 492 -4.54 -7.45 -11.32
C ALA A 492 -4.27 -7.44 -9.81
N MET A 493 -4.17 -6.25 -9.22
CA MET A 493 -3.94 -6.09 -7.78
C MET A 493 -4.97 -6.83 -6.90
N GLU A 494 -6.23 -6.83 -7.33
CA GLU A 494 -7.30 -7.60 -6.65
C GLU A 494 -6.95 -9.07 -6.47
N LEU A 495 -6.29 -9.66 -7.47
CA LEU A 495 -5.91 -11.08 -7.45
C LEU A 495 -4.73 -11.42 -6.53
N LEU A 496 -4.14 -10.41 -5.88
CA LEU A 496 -3.14 -10.62 -4.82
C LEU A 496 -3.69 -10.47 -3.40
N ASP A 497 -4.99 -10.19 -3.22
CA ASP A 497 -5.55 -10.11 -1.86
C ASP A 497 -5.87 -11.52 -1.29
N CYS A 498 -6.48 -11.56 -0.11
CA CYS A 498 -6.69 -12.81 0.63
C CYS A 498 -7.73 -13.77 0.02
N ASN A 499 -8.59 -13.27 -0.87
CA ASN A 499 -9.53 -14.11 -1.63
C ASN A 499 -8.88 -14.99 -2.72
N TYR A 500 -7.61 -14.76 -3.06
CA TYR A 500 -6.94 -15.45 -4.18
C TYR A 500 -5.58 -16.04 -3.79
N PRO A 501 -5.59 -17.13 -3.01
CA PRO A 501 -4.34 -17.74 -2.52
C PRO A 501 -3.57 -18.62 -3.53
N ASP A 502 -4.18 -18.98 -4.66
CA ASP A 502 -3.56 -19.91 -5.60
C ASP A 502 -2.35 -19.30 -6.31
N PRO A 503 -1.18 -19.98 -6.31
CA PRO A 503 0.04 -19.39 -6.87
C PRO A 503 0.03 -19.16 -8.39
N MET A 504 -0.78 -19.94 -9.12
CA MET A 504 -0.96 -19.74 -10.56
C MET A 504 -1.72 -18.43 -10.84
N VAL A 505 -2.74 -18.17 -10.03
CA VAL A 505 -3.54 -16.94 -10.10
C VAL A 505 -2.71 -15.71 -9.72
N ARG A 506 -1.94 -15.85 -8.65
CA ARG A 506 -1.08 -14.77 -8.15
C ARG A 506 0.12 -14.53 -9.07
N GLY A 507 0.64 -15.60 -9.67
CA GLY A 507 1.66 -15.49 -10.73
C GLY A 507 1.19 -14.70 -11.93
N PHE A 508 -0.06 -14.93 -12.36
CA PHE A 508 -0.67 -14.14 -13.45
C PHE A 508 -0.76 -12.66 -13.09
N ALA A 509 -1.20 -12.37 -11.86
CA ALA A 509 -1.31 -11.01 -11.37
C ALA A 509 0.03 -10.29 -11.38
N VAL A 510 1.07 -10.97 -10.86
CA VAL A 510 2.45 -10.43 -10.83
C VAL A 510 2.98 -10.13 -12.25
N ARG A 511 2.69 -11.02 -13.19
CA ARG A 511 3.05 -10.82 -14.60
C ARG A 511 2.35 -9.61 -15.24
N CYS A 512 1.09 -9.35 -14.87
CA CYS A 512 0.40 -8.14 -15.31
C CYS A 512 1.08 -6.87 -14.76
N LEU A 513 1.58 -6.94 -13.52
CA LEU A 513 2.31 -5.82 -12.91
C LEU A 513 3.67 -5.59 -13.57
N GLU A 514 4.40 -6.68 -13.83
CA GLU A 514 5.68 -6.62 -14.54
C GLU A 514 5.57 -5.98 -15.92
N LYS A 515 4.53 -6.35 -16.66
CA LYS A 515 4.32 -5.82 -18.02
C LYS A 515 3.78 -4.39 -18.05
N TYR A 516 2.87 -4.05 -17.15
CA TYR A 516 2.06 -2.82 -17.27
C TYR A 516 2.11 -1.81 -16.12
N LEU A 517 2.61 -2.18 -14.93
CA LEU A 517 2.68 -1.25 -13.81
C LEU A 517 3.92 -0.35 -13.94
N THR A 518 3.69 0.95 -14.08
CA THR A 518 4.77 1.94 -14.12
C THR A 518 5.38 2.13 -12.72
N ASP A 519 6.60 2.65 -12.66
CA ASP A 519 7.27 2.96 -11.39
C ASP A 519 6.48 3.98 -10.55
N ASP A 520 5.88 4.95 -11.24
CA ASP A 520 4.93 5.91 -10.64
C ASP A 520 3.82 5.19 -9.85
N LYS A 521 3.11 4.30 -10.53
CA LYS A 521 1.98 3.60 -9.91
C LYS A 521 2.42 2.54 -8.90
N LEU A 522 3.59 1.94 -9.10
CA LEU A 522 4.18 1.04 -8.09
C LEU A 522 4.46 1.79 -6.79
N SER A 523 5.08 2.97 -6.90
CA SER A 523 5.30 3.87 -5.75
C SER A 523 4.00 4.27 -5.06
N GLN A 524 2.99 4.58 -5.86
CA GLN A 524 1.67 4.95 -5.36
C GLN A 524 0.97 3.82 -4.59
N TYR A 525 1.09 2.59 -5.09
CA TYR A 525 0.43 1.43 -4.48
C TYR A 525 1.36 0.51 -3.66
N LEU A 526 2.57 0.97 -3.36
CA LEU A 526 3.57 0.14 -2.66
C LEU A 526 3.08 -0.32 -1.29
N ILE A 527 2.40 0.58 -0.58
CA ILE A 527 1.75 0.29 0.71
C ILE A 527 0.90 -1.00 0.64
N GLN A 528 0.05 -1.11 -0.39
CA GLN A 528 -0.83 -2.29 -0.55
C GLN A 528 -0.04 -3.53 -0.99
N LEU A 529 0.91 -3.35 -1.90
CA LEU A 529 1.72 -4.46 -2.42
C LEU A 529 2.61 -5.10 -1.35
N VAL A 530 3.12 -4.28 -0.44
CA VAL A 530 3.82 -4.78 0.76
C VAL A 530 2.88 -5.59 1.66
N GLN A 531 1.65 -5.11 1.86
CA GLN A 531 0.68 -5.81 2.70
C GLN A 531 0.27 -7.18 2.18
N VAL A 532 0.05 -7.30 0.88
CA VAL A 532 -0.39 -8.56 0.28
C VAL A 532 0.68 -9.67 0.29
N LEU A 533 1.95 -9.30 0.50
CA LEU A 533 3.02 -10.27 0.81
C LEU A 533 2.71 -11.14 2.03
N LYS A 534 1.98 -10.57 3.00
CA LYS A 534 1.56 -11.30 4.20
C LYS A 534 0.62 -12.47 3.89
N TYR A 535 -0.16 -12.34 2.82
CA TYR A 535 -1.08 -13.39 2.38
C TYR A 535 -0.38 -14.55 1.68
N GLU A 536 0.84 -14.33 1.19
CA GLU A 536 1.61 -15.37 0.49
C GLU A 536 1.82 -16.60 1.37
N GLN A 537 1.65 -17.79 0.79
CA GLN A 537 1.87 -19.05 1.50
C GLN A 537 3.32 -19.21 1.97
N TYR A 538 4.26 -18.86 1.08
CA TYR A 538 5.67 -19.15 1.27
C TYR A 538 6.52 -17.89 1.17
N LEU A 539 7.70 -17.97 1.78
CA LEU A 539 8.65 -16.85 1.80
C LEU A 539 9.13 -16.53 0.39
N ASP A 540 9.40 -17.57 -0.40
CA ASP A 540 9.88 -17.42 -1.77
C ASP A 540 8.71 -17.52 -2.75
N ASN A 541 8.42 -16.41 -3.43
CA ASN A 541 7.30 -16.32 -4.38
C ASN A 541 7.57 -15.27 -5.46
N LEU A 542 6.71 -15.25 -6.49
CA LEU A 542 6.87 -14.33 -7.61
C LEU A 542 6.67 -12.85 -7.23
N LEU A 543 5.76 -12.59 -6.30
CA LEU A 543 5.47 -11.21 -5.86
C LEU A 543 6.65 -10.55 -5.15
N VAL A 544 7.19 -11.25 -4.15
CA VAL A 544 8.33 -10.74 -3.39
C VAL A 544 9.59 -10.55 -4.26
N ARG A 545 9.76 -11.41 -5.27
CA ARG A 545 10.87 -11.27 -6.22
C ARG A 545 10.70 -10.05 -7.12
N PHE A 546 9.47 -9.79 -7.55
CA PHE A 546 9.13 -8.59 -8.33
C PHE A 546 9.36 -7.30 -7.53
N LEU A 547 8.86 -7.26 -6.30
CA LEU A 547 8.99 -6.08 -5.44
C LEU A 547 10.42 -5.79 -5.04
N LEU A 548 11.16 -6.85 -4.67
CA LEU A 548 12.58 -6.74 -4.32
C LEU A 548 13.43 -6.23 -5.49
N LYS A 549 13.17 -6.75 -6.69
CA LYS A 549 13.91 -6.32 -7.89
C LYS A 549 13.69 -4.83 -8.20
N LYS A 550 12.44 -4.38 -8.07
CA LYS A 550 12.11 -2.96 -8.27
C LYS A 550 12.71 -2.06 -7.18
N ALA A 551 12.66 -2.53 -5.93
CA ALA A 551 13.33 -1.84 -4.80
C ALA A 551 14.85 -1.70 -5.01
N LEU A 552 15.45 -2.73 -5.61
CA LEU A 552 16.89 -2.74 -5.89
C LEU A 552 17.29 -2.15 -7.25
N THR A 553 16.33 -1.78 -8.10
CA THR A 553 16.61 -1.05 -9.35
C THR A 553 16.01 0.38 -9.39
N ASN A 554 15.36 0.79 -8.30
CA ASN A 554 14.78 2.12 -8.16
C ASN A 554 14.81 2.51 -6.69
N GLN A 555 15.72 3.43 -6.34
CA GLN A 555 16.01 3.77 -4.95
C GLN A 555 14.89 4.58 -4.28
N ARG A 556 14.06 5.26 -5.08
CA ARG A 556 12.85 5.91 -4.56
C ARG A 556 11.85 4.85 -4.07
N ILE A 557 11.68 3.79 -4.86
CA ILE A 557 10.86 2.65 -4.44
C ILE A 557 11.51 1.91 -3.26
N GLY A 558 12.81 1.63 -3.37
CA GLY A 558 13.57 0.94 -2.31
C GLY A 558 13.54 1.59 -0.94
N HIS A 559 13.56 2.92 -0.93
CA HIS A 559 13.46 3.71 0.30
C HIS A 559 12.18 3.41 1.10
N PHE A 560 11.04 3.53 0.44
CA PHE A 560 9.74 3.28 1.08
C PHE A 560 9.48 1.80 1.31
N PHE A 561 10.00 0.96 0.41
CA PHE A 561 10.04 -0.51 0.59
C PHE A 561 10.68 -0.86 1.93
N PHE A 562 11.86 -0.27 2.20
CA PHE A 562 12.56 -0.46 3.47
C PHE A 562 11.72 -0.04 4.68
N TRP A 563 11.19 1.18 4.62
CA TRP A 563 10.43 1.75 5.76
C TRP A 563 9.08 1.09 6.04
N HIS A 564 8.38 0.69 4.98
CA HIS A 564 7.12 -0.06 5.16
C HIS A 564 7.38 -1.41 5.84
N LEU A 565 8.42 -2.12 5.40
CA LEU A 565 8.82 -3.38 6.04
C LEU A 565 9.38 -3.17 7.45
N LYS A 566 10.25 -2.17 7.60
CA LYS A 566 10.86 -1.82 8.89
C LYS A 566 9.82 -1.42 9.93
N SER A 567 8.81 -0.66 9.51
CA SER A 567 7.74 -0.20 10.41
C SER A 567 6.95 -1.33 11.09
N GLU A 568 6.91 -2.51 10.46
CA GLU A 568 6.20 -3.68 11.00
C GLU A 568 7.09 -4.78 11.61
N MET A 569 8.37 -4.49 11.83
CA MET A 569 9.28 -5.49 12.42
C MET A 569 8.96 -5.85 13.89
N HIS A 570 8.22 -4.98 14.57
CA HIS A 570 7.66 -5.29 15.91
C HIS A 570 6.57 -6.38 15.87
N ASN A 571 5.86 -6.49 14.75
CA ASN A 571 4.80 -7.47 14.58
C ASN A 571 5.36 -8.86 14.29
N LYS A 572 5.18 -9.77 15.24
CA LYS A 572 5.71 -11.14 15.17
C LYS A 572 4.97 -12.04 14.17
N THR A 573 3.78 -11.62 13.74
CA THR A 573 3.08 -12.23 12.63
C THR A 573 3.89 -12.18 11.32
N VAL A 574 4.68 -11.11 11.12
CA VAL A 574 5.45 -10.90 9.89
C VAL A 574 6.94 -10.58 10.08
N SER A 575 7.45 -10.69 11.32
CA SER A 575 8.84 -10.32 11.66
C SER A 575 9.89 -11.13 10.90
N GLN A 576 9.67 -12.44 10.78
CA GLN A 576 10.61 -13.32 10.08
C GLN A 576 10.62 -13.01 8.59
N ARG A 577 9.45 -12.97 7.97
CA ARG A 577 9.32 -12.69 6.53
C ARG A 577 9.93 -11.34 6.14
N PHE A 578 9.54 -10.29 6.88
CA PHE A 578 10.00 -8.93 6.62
C PHE A 578 11.47 -8.75 6.99
N GLY A 579 11.89 -9.39 8.09
CA GLY A 579 13.29 -9.40 8.51
C GLY A 579 14.21 -10.02 7.46
N LEU A 580 13.84 -11.20 6.98
CA LEU A 580 14.58 -11.91 5.93
C LEU A 580 14.57 -11.15 4.60
N LEU A 581 13.44 -10.52 4.28
CA LEU A 581 13.31 -9.71 3.07
C LEU A 581 14.17 -8.43 3.16
N LEU A 582 14.14 -7.79 4.32
CA LEU A 582 15.01 -6.63 4.58
C LEU A 582 16.51 -6.95 4.52
N GLU A 583 16.88 -8.14 5.00
CA GLU A 583 18.26 -8.62 4.91
C GLU A 583 18.73 -8.66 3.45
N SER A 584 17.94 -9.31 2.59
CA SER A 584 18.22 -9.40 1.15
C SER A 584 18.33 -8.03 0.48
N TYR A 585 17.46 -7.09 0.87
CA TYR A 585 17.49 -5.71 0.35
C TYR A 585 18.77 -4.98 0.77
N CYS A 586 19.07 -5.04 2.07
CA CYS A 586 20.25 -4.37 2.63
C CYS A 586 21.57 -4.93 2.10
N ARG A 587 21.57 -6.22 1.79
CA ARG A 587 22.75 -6.89 1.26
C ARG A 587 23.10 -6.46 -0.18
N ALA A 588 22.11 -5.94 -0.92
CA ALA A 588 22.29 -5.56 -2.32
C ALA A 588 21.95 -4.10 -2.69
N CYS A 589 21.36 -3.31 -1.78
CA CYS A 589 20.95 -1.93 -2.11
C CYS A 589 22.12 -0.95 -2.34
N GLY A 590 23.34 -1.35 -1.96
CA GLY A 590 24.53 -0.58 -2.20
C GLY A 590 24.75 0.47 -1.12
N MET A 591 25.29 1.63 -1.54
CA MET A 591 25.64 2.74 -0.64
C MET A 591 24.47 3.25 0.21
N TYR A 592 23.24 3.10 -0.28
CA TYR A 592 22.05 3.60 0.43
C TYR A 592 21.77 2.95 1.80
N LEU A 593 22.31 1.76 2.04
CA LEU A 593 22.29 1.15 3.38
C LEU A 593 22.87 2.10 4.43
N LYS A 594 24.01 2.72 4.11
CA LYS A 594 24.68 3.65 5.02
C LYS A 594 23.86 4.92 5.27
N HIS A 595 23.17 5.40 4.24
CA HIS A 595 22.26 6.54 4.37
C HIS A 595 20.98 6.17 5.13
N LEU A 596 20.48 4.96 4.93
CA LEU A 596 19.35 4.43 5.71
C LEU A 596 19.72 4.31 7.19
N ASN A 597 20.91 3.82 7.49
CA ASN A 597 21.37 3.72 8.89
C ASN A 597 21.44 5.07 9.62
N ARG A 598 21.72 6.15 8.90
CA ARG A 598 21.66 7.51 9.44
C ARG A 598 20.23 7.87 9.85
N GLN A 599 19.26 7.50 8.99
CA GLN A 599 17.85 7.75 9.26
C GLN A 599 17.34 6.90 10.40
N VAL A 600 17.73 5.63 10.43
CA VAL A 600 17.34 4.71 11.51
C VAL A 600 17.84 5.20 12.87
N GLU A 601 19.10 5.64 12.95
CA GLU A 601 19.66 6.13 14.21
C GLU A 601 19.00 7.44 14.65
N ALA A 602 18.76 8.34 13.70
CA ALA A 602 18.06 9.60 13.98
C ALA A 602 16.68 9.36 14.58
N MET A 603 15.93 8.44 13.98
CA MET A 603 14.61 8.05 14.48
C MET A 603 14.69 7.38 15.85
N GLU A 604 15.68 6.51 16.02
CA GLU A 604 15.86 5.79 17.28
C GLU A 604 16.10 6.73 18.45
N LYS A 605 16.95 7.74 18.24
CA LYS A 605 17.21 8.75 19.26
C LYS A 605 15.98 9.64 19.54
N LEU A 606 15.16 9.90 18.53
CA LEU A 606 13.87 10.60 18.72
C LEU A 606 12.85 9.73 19.45
N ILE A 607 12.81 8.43 19.16
CA ILE A 607 11.99 7.48 19.92
C ILE A 607 12.40 7.47 21.40
N ASN A 608 13.71 7.35 21.65
CA ASN A 608 14.25 7.30 23.01
C ASN A 608 13.96 8.58 23.80
N LEU A 609 14.07 9.73 23.13
CA LEU A 609 13.83 11.04 23.77
C LEU A 609 12.36 11.23 24.14
N THR A 610 11.46 10.91 23.20
CA THR A 610 10.02 11.03 23.42
C THR A 610 9.48 10.01 24.43
N ASP A 611 10.10 8.83 24.49
CA ASP A 611 9.77 7.82 25.53
C ASP A 611 10.08 8.33 26.94
N ILE A 612 11.19 9.04 27.11
CA ILE A 612 11.57 9.61 28.41
C ILE A 612 10.58 10.71 28.84
N LEU A 613 10.21 11.59 27.91
CA LEU A 613 9.25 12.67 28.20
C LEU A 613 7.85 12.18 28.56
N LYS A 614 7.42 11.06 27.97
CA LYS A 614 6.09 10.47 28.26
C LYS A 614 6.11 9.35 29.31
N GLN A 615 7.25 9.13 29.96
CA GLN A 615 7.38 8.15 31.06
C GLN A 615 7.98 8.80 32.30
N GLU A 616 9.19 9.35 32.16
CA GLU A 616 9.90 9.99 33.29
C GLU A 616 9.31 11.37 33.62
N LYS A 617 9.27 12.24 32.60
CA LYS A 617 8.87 13.64 32.76
C LYS A 617 7.42 13.91 32.30
N LYS A 618 6.51 12.97 32.59
CA LYS A 618 5.09 13.06 32.20
C LYS A 618 4.45 14.36 32.71
N ASP A 619 4.47 14.52 34.03
CA ASP A 619 3.82 15.65 34.70
C ASP A 619 4.85 16.72 35.05
N GLU A 620 5.36 17.38 34.01
CA GLU A 620 6.20 18.57 34.16
C GLU A 620 5.85 19.61 33.11
N THR A 621 6.17 20.88 33.42
CA THR A 621 5.79 22.02 32.58
C THR A 621 6.57 22.06 31.25
N GLN A 622 6.01 22.81 30.29
CA GLN A 622 6.57 22.94 28.94
C GLN A 622 8.00 23.47 28.95
N LYS A 623 8.24 24.48 29.79
CA LYS A 623 9.56 25.10 29.96
C LYS A 623 10.63 24.09 30.42
N VAL A 624 10.28 23.28 31.41
CA VAL A 624 11.19 22.27 31.99
C VAL A 624 11.43 21.11 31.03
N GLN A 625 10.38 20.67 30.33
CA GLN A 625 10.50 19.62 29.31
C GLN A 625 11.38 20.08 28.13
N MET A 626 11.18 21.32 27.70
CA MET A 626 11.97 21.93 26.62
C MET A 626 13.45 22.11 26.98
N LYS A 627 13.71 22.52 28.22
CA LYS A 627 15.08 22.64 28.73
C LYS A 627 15.78 21.28 28.74
N PHE A 628 15.08 20.25 29.23
CA PHE A 628 15.58 18.87 29.17
C PHE A 628 15.82 18.41 27.73
N LEU A 629 14.90 18.75 26.82
CA LEU A 629 14.97 18.37 25.41
C LEU A 629 16.20 18.96 24.70
N VAL A 630 16.35 20.29 24.81
CA VAL A 630 17.46 21.02 24.19
C VAL A 630 18.83 20.56 24.72
N GLU A 631 18.92 20.35 26.03
CA GLU A 631 20.16 19.85 26.67
C GLU A 631 20.53 18.45 26.20
N GLN A 632 19.54 17.56 26.12
CA GLN A 632 19.77 16.17 25.71
C GLN A 632 20.10 16.04 24.21
N MET A 633 19.48 16.89 23.39
CA MET A 633 19.78 16.95 21.94
C MET A 633 21.16 17.52 21.64
N ARG A 634 21.61 18.48 22.46
CA ARG A 634 22.93 19.11 22.30
C ARG A 634 24.12 18.21 22.67
N ARG A 635 23.87 17.06 23.30
CA ARG A 635 24.91 16.04 23.51
C ARG A 635 25.57 15.65 22.18
N PRO A 636 26.93 15.55 22.14
CA PRO A 636 27.66 15.32 20.88
C PRO A 636 27.17 14.12 20.02
N ASP A 637 26.92 13.00 20.68
CA ASP A 637 26.39 11.79 20.00
C ASP A 637 24.97 11.98 19.45
N PHE A 638 24.09 12.60 20.26
CA PHE A 638 22.71 12.93 19.84
C PHE A 638 22.69 13.95 18.70
N MET A 639 23.44 15.03 18.89
CA MET A 639 23.45 16.16 17.94
C MET A 639 23.87 15.72 16.54
N ASP A 640 24.92 14.92 16.44
CA ASP A 640 25.38 14.38 15.16
C ASP A 640 24.37 13.38 14.56
N ALA A 641 23.80 12.52 15.40
CA ALA A 641 22.78 11.56 14.97
C ALA A 641 21.51 12.24 14.45
N LEU A 642 21.13 13.37 15.06
CA LEU A 642 19.88 14.06 14.73
C LEU A 642 20.03 15.20 13.71
N GLN A 643 21.11 15.20 12.92
CA GLN A 643 21.25 16.19 11.84
C GLN A 643 22.21 15.71 10.75
N GLY A 644 22.00 16.19 9.52
CA GLY A 644 22.80 15.77 8.37
C GLY A 644 22.41 14.41 7.85
N PHE A 645 21.13 14.23 7.55
CA PHE A 645 20.61 12.99 6.95
C PHE A 645 19.42 13.28 6.05
N LEU A 646 18.92 12.25 5.35
CA LEU A 646 17.81 12.42 4.41
C LEU A 646 16.47 12.20 5.11
N SER A 647 15.49 13.04 4.77
CA SER A 647 14.13 12.92 5.35
C SER A 647 13.53 11.56 4.96
N PRO A 648 13.10 10.76 5.96
CA PRO A 648 12.35 9.54 5.62
C PRO A 648 11.01 9.77 4.90
N LEU A 649 10.43 10.96 5.07
CA LEU A 649 9.22 11.36 4.32
C LEU A 649 9.48 11.58 2.84
N ASN A 650 10.68 12.05 2.49
CA ASN A 650 11.09 12.28 1.11
C ASN A 650 12.62 12.34 1.00
N PRO A 651 13.27 11.24 0.56
CA PRO A 651 14.74 11.19 0.55
C PRO A 651 15.46 12.14 -0.43
N ALA A 652 14.72 12.83 -1.29
CA ALA A 652 15.26 13.97 -2.06
C ALA A 652 15.54 15.18 -1.17
N HIS A 653 14.87 15.27 -0.02
CA HIS A 653 15.08 16.37 0.95
C HIS A 653 16.20 16.04 1.94
N GLN A 654 17.30 16.79 1.83
CA GLN A 654 18.40 16.71 2.80
C GLN A 654 18.04 17.50 4.04
N LEU A 655 18.12 16.86 5.20
CA LEU A 655 17.97 17.54 6.49
C LEU A 655 19.35 17.92 6.98
N GLY A 656 19.64 19.22 7.01
CA GLY A 656 20.94 19.74 7.43
C GLY A 656 21.03 19.88 8.94
N ASN A 657 21.49 21.03 9.40
CA ASN A 657 21.59 21.32 10.84
C ASN A 657 20.22 21.55 11.45
N LEU A 658 20.04 21.09 12.69
CA LEU A 658 18.81 21.36 13.46
C LEU A 658 18.76 22.83 13.84
N ARG A 659 17.55 23.40 13.80
CA ARG A 659 17.26 24.72 14.33
C ARG A 659 16.56 24.51 15.68
N LEU A 660 17.35 24.33 16.73
CA LEU A 660 16.82 24.01 18.07
C LEU A 660 15.85 25.06 18.61
N GLU A 661 16.16 26.33 18.35
CA GLU A 661 15.27 27.46 18.69
C GLU A 661 13.89 27.41 18.01
N GLU A 662 13.84 26.80 16.82
CA GLU A 662 12.58 26.58 16.08
C GLU A 662 11.86 25.28 16.47
N CYS A 663 12.56 24.36 17.11
CA CYS A 663 11.96 23.10 17.58
C CYS A 663 11.10 23.35 18.81
N ARG A 664 10.07 22.53 19.00
CA ARG A 664 9.19 22.63 20.18
C ARG A 664 8.41 21.35 20.45
N ILE A 665 8.00 21.17 21.71
CA ILE A 665 7.06 20.13 22.10
C ILE A 665 5.66 20.71 21.92
N MET A 666 4.82 19.98 21.18
CA MET A 666 3.46 20.43 20.86
C MET A 666 2.47 20.04 21.95
N SER A 667 1.35 20.76 22.02
CA SER A 667 0.28 20.53 23.00
C SER A 667 -0.78 19.50 22.54
N SER A 668 -0.57 18.92 21.36
CA SER A 668 -1.50 17.93 20.80
C SER A 668 -1.48 16.61 21.59
N ALA A 669 -2.30 15.65 21.15
CA ALA A 669 -2.36 14.33 21.77
C ALA A 669 -1.03 13.58 21.60
N LYS A 670 -0.57 12.96 22.69
CA LYS A 670 0.75 12.29 22.79
C LYS A 670 1.98 13.22 22.71
N ARG A 671 1.75 14.54 22.79
CA ARG A 671 2.81 15.55 22.85
C ARG A 671 3.93 15.41 21.81
N PRO A 672 3.59 15.54 20.51
CA PRO A 672 4.58 15.33 19.45
C PRO A 672 5.63 16.43 19.35
N LEU A 673 6.78 16.10 18.75
CA LEU A 673 7.87 17.04 18.57
C LEU A 673 7.73 17.75 17.24
N TRP A 674 7.77 19.08 17.28
CA TRP A 674 7.87 19.92 16.08
C TRP A 674 9.35 20.14 15.84
N LEU A 675 9.85 19.63 14.72
CA LEU A 675 11.28 19.65 14.41
C LEU A 675 11.59 20.47 13.15
N ASN A 676 12.67 21.23 13.20
CA ASN A 676 13.09 22.14 12.14
C ASN A 676 14.55 21.89 11.79
N TRP A 677 14.82 21.54 10.54
CA TRP A 677 16.18 21.46 10.00
C TRP A 677 16.39 22.48 8.89
N GLU A 678 17.62 22.98 8.79
CA GLU A 678 18.06 23.72 7.60
C GLU A 678 18.06 22.78 6.39
N ASN A 679 17.64 23.29 5.25
CA ASN A 679 17.89 22.66 3.96
C ASN A 679 19.28 23.13 3.52
N PRO A 680 20.28 22.23 3.48
CA PRO A 680 21.64 22.63 3.10
C PRO A 680 21.89 22.73 1.59
N ASP A 681 20.86 22.53 0.77
CA ASP A 681 20.95 22.74 -0.69
C ASP A 681 21.38 24.18 -0.99
N ILE A 682 22.25 24.33 -1.99
CA ILE A 682 22.86 25.63 -2.32
C ILE A 682 21.79 26.64 -2.79
N MET A 683 20.75 26.15 -3.45
CA MET A 683 19.62 26.98 -3.88
C MET A 683 18.33 26.64 -3.11
N SER A 684 18.45 26.50 -1.79
CA SER A 684 17.33 26.13 -0.92
C SER A 684 16.27 27.22 -0.83
N GLU A 685 16.71 28.48 -0.87
CA GLU A 685 15.82 29.66 -0.91
C GLU A 685 14.71 29.63 -1.97
N LEU A 686 14.96 28.95 -3.10
CA LEU A 686 13.99 28.83 -4.19
C LEU A 686 12.91 27.73 -4.00
N LEU A 687 13.12 26.81 -3.05
CA LEU A 687 12.12 25.79 -2.72
C LEU A 687 11.64 25.96 -1.27
N PHE A 688 12.53 25.69 -0.31
CA PHE A 688 12.30 26.03 1.10
C PHE A 688 13.62 26.02 1.89
N GLN A 689 13.83 27.04 2.72
CA GLN A 689 15.03 27.16 3.53
C GLN A 689 15.04 26.18 4.71
N ASN A 690 13.86 25.90 5.26
CA ASN A 690 13.70 25.04 6.44
C ASN A 690 12.74 23.88 6.18
N ASN A 691 13.15 22.67 6.55
CA ASN A 691 12.30 21.47 6.46
C ASN A 691 11.67 21.21 7.84
N GLU A 692 10.33 21.28 7.89
CA GLU A 692 9.59 21.15 9.14
C GLU A 692 8.80 19.83 9.15
N ILE A 693 9.06 19.01 10.18
CA ILE A 693 8.45 17.69 10.33
C ILE A 693 7.93 17.54 11.75
N ILE A 694 6.75 16.92 11.88
CA ILE A 694 6.19 16.55 13.17
C ILE A 694 6.52 15.08 13.43
N PHE A 695 7.19 14.81 14.55
CA PHE A 695 7.48 13.46 15.01
C PHE A 695 6.49 13.14 16.12
N LYS A 696 5.68 12.10 15.92
CA LYS A 696 4.65 11.70 16.88
C LYS A 696 4.90 10.27 17.34
N ASN A 697 4.95 10.07 18.66
CA ASN A 697 5.20 8.77 19.28
C ASN A 697 4.07 8.51 20.27
N GLY A 698 3.19 7.56 19.94
CA GLY A 698 2.09 7.16 20.82
C GLY A 698 0.84 6.68 20.09
N ASP A 699 0.52 7.32 18.97
CA ASP A 699 -0.68 7.03 18.20
C ASP A 699 -0.38 6.29 16.90
N ASP A 700 -1.34 5.48 16.46
CA ASP A 700 -1.23 4.72 15.22
C ASP A 700 -1.44 5.67 14.04
N LEU A 701 -0.43 5.80 13.19
CA LEU A 701 -0.49 6.70 12.02
C LEU A 701 -0.76 6.01 10.68
N ARG A 702 -1.04 4.70 10.70
CA ARG A 702 -1.33 3.93 9.49
C ARG A 702 -2.64 4.33 8.82
N GLN A 703 -3.62 4.73 9.63
CA GLN A 703 -4.93 5.14 9.12
C GLN A 703 -4.82 6.46 8.34
N ASP A 704 -4.08 7.42 8.91
CA ASP A 704 -3.79 8.69 8.22
C ASP A 704 -3.01 8.46 6.93
N MET A 705 -2.01 7.59 7.00
CA MET A 705 -1.19 7.21 5.84
C MET A 705 -2.06 6.71 4.68
N LEU A 706 -2.97 5.78 4.99
CA LEU A 706 -3.91 5.23 3.99
C LEU A 706 -4.90 6.26 3.45
N THR A 707 -5.42 7.13 4.32
CA THR A 707 -6.38 8.18 3.92
C THR A 707 -5.73 9.21 2.99
N LEU A 708 -4.52 9.65 3.35
CA LEU A 708 -3.75 10.61 2.55
C LEU A 708 -3.40 10.06 1.16
N GLN A 709 -3.07 8.77 1.09
CA GLN A 709 -2.85 8.06 -0.17
C GLN A 709 -4.13 8.04 -1.01
N ILE A 710 -5.25 7.67 -0.39
CA ILE A 710 -6.56 7.65 -1.06
C ILE A 710 -6.96 9.04 -1.54
N ILE A 711 -6.75 10.06 -0.72
CA ILE A 711 -7.04 11.46 -1.10
C ILE A 711 -6.25 11.85 -2.37
N ARG A 712 -4.96 11.49 -2.40
CA ARG A 712 -4.11 11.73 -3.58
C ARG A 712 -4.66 11.04 -4.83
N ILE A 713 -5.10 9.78 -4.69
CA ILE A 713 -5.68 9.01 -5.80
C ILE A 713 -7.00 9.63 -6.27
N MET A 714 -7.86 10.01 -5.32
CA MET A 714 -9.11 10.75 -5.62
C MET A 714 -8.86 12.04 -6.40
N GLU A 715 -7.84 12.79 -5.97
CA GLU A 715 -7.43 14.05 -6.62
C GLU A 715 -6.96 13.80 -8.06
N ASN A 716 -6.12 12.78 -8.24
CA ASN A 716 -5.64 12.35 -9.57
C ASN A 716 -6.78 12.01 -10.53
N ILE A 717 -7.79 11.29 -10.02
CA ILE A 717 -8.97 10.95 -10.81
C ILE A 717 -9.72 12.22 -11.25
N TRP A 718 -9.93 13.14 -10.32
CA TRP A 718 -10.61 14.41 -10.60
C TRP A 718 -9.84 15.30 -11.58
N GLN A 719 -8.52 15.39 -11.39
CA GLN A 719 -7.67 16.23 -12.22
C GLN A 719 -7.62 15.73 -13.67
N ASN A 720 -7.41 14.42 -13.84
CA ASN A 720 -7.43 13.77 -15.16
C ASN A 720 -8.80 13.83 -15.84
N GLN A 721 -9.87 13.75 -15.04
CA GLN A 721 -11.24 13.90 -15.54
C GLN A 721 -11.56 15.35 -15.98
N GLY A 722 -10.81 16.32 -15.44
CA GLY A 722 -10.93 17.73 -15.84
C GLY A 722 -11.75 18.59 -14.90
N LEU A 723 -11.73 18.27 -13.60
CA LEU A 723 -12.31 19.14 -12.57
C LEU A 723 -11.24 19.42 -11.51
N ASP A 724 -10.81 20.68 -11.46
CA ASP A 724 -9.67 21.09 -10.64
C ASP A 724 -10.12 21.31 -9.19
N LEU A 725 -10.20 20.22 -8.43
CA LEU A 725 -10.46 20.28 -6.99
C LEU A 725 -9.14 19.99 -6.26
N ARG A 726 -8.47 21.04 -5.83
CA ARG A 726 -7.13 20.91 -5.22
C ARG A 726 -7.24 20.35 -3.81
N MET A 727 -6.65 19.16 -3.62
CA MET A 727 -6.51 18.52 -2.31
C MET A 727 -5.09 18.74 -1.80
N LEU A 728 -4.84 18.32 -0.56
CA LEU A 728 -3.51 18.46 0.05
C LEU A 728 -3.14 17.17 0.79
N PRO A 729 -2.72 16.13 0.03
CA PRO A 729 -2.22 14.90 0.65
C PRO A 729 -0.75 15.07 1.10
N TYR A 730 -0.57 15.79 2.20
CA TYR A 730 0.76 15.96 2.82
C TYR A 730 1.35 14.62 3.23
N GLY A 731 2.68 14.57 3.32
CA GLY A 731 3.40 13.34 3.65
C GLY A 731 3.11 12.84 5.03
N CYS A 732 2.96 11.52 5.16
CA CYS A 732 2.81 10.85 6.44
C CYS A 732 3.40 9.45 6.35
N LEU A 733 4.27 9.10 7.30
CA LEU A 733 4.96 7.80 7.28
C LEU A 733 5.02 7.19 8.68
N SER A 734 4.35 6.05 8.84
CA SER A 734 4.57 5.18 10.01
C SER A 734 5.97 4.56 9.88
N ILE A 735 6.81 4.75 10.89
CA ILE A 735 8.17 4.17 10.95
C ILE A 735 8.31 3.03 11.97
N GLY A 736 7.26 2.77 12.73
CA GLY A 736 7.30 1.78 13.80
C GLY A 736 5.96 1.61 14.48
N ASP A 737 5.97 0.98 15.66
CA ASP A 737 4.77 0.70 16.43
C ASP A 737 4.23 1.98 17.06
N CYS A 738 3.18 2.54 16.45
CA CYS A 738 2.59 3.82 16.87
C CYS A 738 3.63 4.95 16.94
N VAL A 739 4.50 5.01 15.92
CA VAL A 739 5.50 6.06 15.74
C VAL A 739 5.52 6.44 14.28
N GLY A 740 5.64 7.74 13.99
CA GLY A 740 5.69 8.20 12.61
C GLY A 740 6.01 9.66 12.42
N LEU A 741 6.13 10.04 11.15
CA LEU A 741 6.46 11.41 10.73
C LEU A 741 5.30 12.03 9.96
N ILE A 742 5.13 13.34 10.12
CA ILE A 742 4.07 14.09 9.42
C ILE A 742 4.70 15.35 8.79
N GLU A 743 4.44 15.54 7.48
CA GLU A 743 4.93 16.72 6.76
C GLU A 743 4.17 17.96 7.20
N VAL A 744 4.90 19.00 7.60
CA VAL A 744 4.30 20.30 7.93
C VAL A 744 3.98 21.01 6.60
N VAL A 745 2.76 21.53 6.50
CA VAL A 745 2.36 22.41 5.40
C VAL A 745 2.60 23.84 5.85
N ARG A 746 3.40 24.59 5.10
CA ARG A 746 3.74 25.98 5.44
C ARG A 746 2.55 26.92 5.25
N ASN A 747 2.50 27.95 6.10
CA ASN A 747 1.49 29.01 6.01
C ASN A 747 0.05 28.50 6.08
N SER A 748 -0.18 27.52 6.96
CA SER A 748 -1.51 26.93 7.20
C SER A 748 -1.89 27.06 8.66
N HIS A 749 -3.18 27.24 8.92
CA HIS A 749 -3.70 27.46 10.27
C HIS A 749 -5.03 26.74 10.43
N THR A 750 -5.31 26.23 11.64
CA THR A 750 -6.60 25.59 11.92
C THR A 750 -7.69 26.65 12.03
N ILE A 751 -8.95 26.24 11.88
CA ILE A 751 -10.10 27.16 11.92
C ILE A 751 -10.20 27.86 13.27
N MET A 752 -9.88 27.14 14.34
CA MET A 752 -9.86 27.70 15.70
C MET A 752 -8.83 28.83 15.85
N GLN A 753 -7.63 28.60 15.31
CA GLN A 753 -6.58 29.63 15.31
C GLN A 753 -6.94 30.89 14.51
N ILE A 754 -7.74 30.74 13.46
CA ILE A 754 -8.27 31.88 12.69
C ILE A 754 -9.23 32.68 13.57
N GLN A 755 -10.18 31.98 14.20
CA GLN A 755 -11.20 32.58 15.06
C GLN A 755 -10.62 33.21 16.34
N CYS A 756 -9.70 32.49 17.00
CA CYS A 756 -9.09 32.96 18.25
C CYS A 756 -8.11 34.11 18.00
N ASN A 767 -17.63 35.88 15.55
CA ASN A 767 -18.61 35.92 14.47
C ASN A 767 -18.41 34.83 13.42
N SER A 768 -19.45 34.56 12.64
CA SER A 768 -19.38 33.63 11.51
C SER A 768 -18.55 34.18 10.34
N HIS A 769 -18.45 35.51 10.23
CA HIS A 769 -17.70 36.18 9.16
C HIS A 769 -16.18 36.29 9.41
N THR A 770 -15.71 35.83 10.58
CA THR A 770 -14.29 35.94 10.96
C THR A 770 -13.35 35.20 10.01
N LEU A 771 -13.75 34.02 9.54
CA LEU A 771 -12.96 33.23 8.59
C LEU A 771 -12.89 33.88 7.21
N HIS A 772 -14.04 34.36 6.72
CA HIS A 772 -14.12 35.09 5.44
C HIS A 772 -13.38 36.43 5.49
N GLN A 773 -13.51 37.14 6.62
CA GLN A 773 -12.75 38.38 6.86
C GLN A 773 -11.24 38.15 6.91
N TRP A 774 -10.81 37.02 7.46
CA TRP A 774 -9.39 36.66 7.52
C TRP A 774 -8.79 36.41 6.13
N LEU A 775 -9.55 35.72 5.27
CA LEU A 775 -9.12 35.45 3.89
C LEU A 775 -9.14 36.71 3.01
N LYS A 776 -10.04 37.65 3.30
CA LYS A 776 -10.05 38.98 2.67
C LYS A 776 -8.73 39.73 2.92
N ASP A 777 -8.33 39.79 4.19
CA ASP A 777 -7.09 40.45 4.61
C ASP A 777 -5.84 39.79 4.02
N LYS A 778 -5.83 38.46 3.95
CA LYS A 778 -4.73 37.70 3.36
C LYS A 778 -4.69 37.74 1.82
N ASN A 779 -5.83 38.02 1.19
CA ASN A 779 -5.95 38.08 -0.28
C ASN A 779 -6.70 39.34 -0.73
N LYS A 780 -6.05 40.49 -0.59
CA LYS A 780 -6.63 41.79 -0.95
C LYS A 780 -6.47 42.09 -2.44
N GLY A 781 -7.42 42.87 -2.98
CA GLY A 781 -7.37 43.31 -4.37
C GLY A 781 -7.85 42.24 -5.34
N GLU A 782 -7.15 42.13 -6.47
CA GLU A 782 -7.52 41.19 -7.55
C GLU A 782 -7.33 39.71 -7.20
N ILE A 783 -6.50 39.41 -6.21
CA ILE A 783 -6.24 38.02 -5.77
C ILE A 783 -7.49 37.38 -5.10
N TYR A 784 -8.34 38.21 -4.49
CA TYR A 784 -9.52 37.75 -3.74
C TYR A 784 -10.36 36.66 -4.43
N ASP A 785 -10.68 36.87 -5.71
CA ASP A 785 -11.51 35.93 -6.48
C ASP A 785 -10.88 34.54 -6.62
N ALA A 786 -9.56 34.50 -6.84
CA ALA A 786 -8.81 33.24 -6.89
C ALA A 786 -8.83 32.50 -5.55
N ALA A 787 -8.77 33.26 -4.44
CA ALA A 787 -8.77 32.69 -3.09
C ALA A 787 -10.10 32.05 -2.72
N ILE A 788 -11.20 32.74 -3.04
CA ILE A 788 -12.55 32.19 -2.83
C ILE A 788 -12.76 30.96 -3.71
N ASP A 789 -12.34 31.04 -4.97
CA ASP A 789 -12.43 29.92 -5.90
C ASP A 789 -11.66 28.69 -5.40
N LEU A 790 -10.41 28.91 -4.99
CA LEU A 790 -9.57 27.84 -4.42
C LEU A 790 -10.19 27.24 -3.15
N PHE A 791 -10.76 28.09 -2.30
CA PHE A 791 -11.46 27.65 -1.10
C PHE A 791 -12.67 26.77 -1.44
N THR A 792 -13.52 27.25 -2.35
CA THR A 792 -14.73 26.51 -2.73
C THR A 792 -14.38 25.15 -3.35
N ARG A 793 -13.42 25.15 -4.28
CA ARG A 793 -12.99 23.93 -4.97
C ARG A 793 -12.32 22.91 -4.04
N SER A 794 -11.47 23.38 -3.12
CA SER A 794 -10.82 22.51 -2.14
C SER A 794 -11.80 22.01 -1.08
N CYS A 795 -12.69 22.88 -0.63
CA CYS A 795 -13.77 22.51 0.30
C CYS A 795 -14.69 21.43 -0.29
N ALA A 796 -15.00 21.55 -1.58
CA ALA A 796 -15.85 20.59 -2.30
C ALA A 796 -15.23 19.20 -2.34
N GLY A 797 -13.93 19.14 -2.63
CA GLY A 797 -13.18 17.89 -2.66
C GLY A 797 -13.12 17.16 -1.33
N TYR A 798 -12.89 17.92 -0.25
CA TYR A 798 -12.84 17.35 1.10
C TYR A 798 -14.20 16.94 1.65
N CYS A 799 -15.25 17.68 1.29
CA CYS A 799 -16.63 17.27 1.61
C CYS A 799 -16.96 15.89 1.04
N VAL A 800 -16.67 15.71 -0.24
CA VAL A 800 -16.93 14.45 -0.95
C VAL A 800 -16.04 13.31 -0.42
N ALA A 801 -14.74 13.59 -0.30
CA ALA A 801 -13.77 12.59 0.17
C ALA A 801 -14.08 12.05 1.57
N THR A 802 -14.40 12.95 2.49
CA THR A 802 -14.69 12.57 3.88
C THR A 802 -15.98 11.80 4.04
N PHE A 803 -17.02 12.19 3.32
CA PHE A 803 -18.29 11.46 3.33
C PHE A 803 -18.13 10.03 2.79
N ILE A 804 -17.45 9.87 1.66
CA ILE A 804 -17.22 8.56 1.05
C ILE A 804 -16.47 7.63 2.03
N LEU A 805 -15.39 8.15 2.62
CA LEU A 805 -14.50 7.34 3.48
C LEU A 805 -14.95 7.18 4.92
N GLY A 806 -15.95 7.95 5.37
CA GLY A 806 -16.41 7.88 6.77
C GLY A 806 -15.33 8.26 7.76
N ILE A 807 -14.62 9.34 7.44
CA ILE A 807 -13.51 9.86 8.25
C ILE A 807 -14.02 10.38 9.60
N GLY A 808 -13.16 10.37 10.63
CA GLY A 808 -13.52 10.90 11.96
C GLY A 808 -14.13 12.28 11.94
N ASP A 809 -15.01 12.59 12.90
CA ASP A 809 -15.76 13.86 12.93
C ASP A 809 -14.86 15.09 12.82
N ARG A 810 -15.20 15.98 11.89
CA ARG A 810 -14.46 17.24 11.72
C ARG A 810 -14.84 18.26 12.79
N HIS A 811 -13.89 19.13 13.09
CA HIS A 811 -14.12 20.28 13.97
C HIS A 811 -13.06 21.36 13.69
N ASN A 812 -13.12 22.46 14.43
CA ASN A 812 -12.26 23.63 14.19
C ASN A 812 -10.75 23.41 14.32
N SER A 813 -10.35 22.38 15.07
CA SER A 813 -8.93 22.06 15.31
C SER A 813 -8.32 21.01 14.36
N ASN A 814 -9.14 20.27 13.60
CA ASN A 814 -8.65 19.33 12.58
C ASN A 814 -9.02 19.69 11.13
N ILE A 815 -9.53 20.91 10.93
CA ILE A 815 -9.69 21.52 9.60
C ILE A 815 -8.68 22.66 9.54
N MET A 816 -7.93 22.75 8.45
CA MET A 816 -6.93 23.81 8.25
C MET A 816 -7.15 24.55 6.94
N VAL A 817 -6.66 25.79 6.89
CA VAL A 817 -6.75 26.64 5.71
C VAL A 817 -5.41 27.32 5.49
N LYS A 818 -4.96 27.36 4.24
CA LYS A 818 -3.74 28.08 3.87
C LYS A 818 -4.05 29.56 3.64
N ASP A 819 -3.01 30.38 3.62
CA ASP A 819 -3.15 31.83 3.37
C ASP A 819 -3.81 32.13 2.02
N ASP A 820 -3.45 31.35 0.99
CA ASP A 820 -4.03 31.50 -0.35
C ASP A 820 -5.49 31.04 -0.50
N GLY A 821 -6.05 30.44 0.55
CA GLY A 821 -7.44 29.99 0.57
C GLY A 821 -7.63 28.47 0.49
N GLN A 822 -6.54 27.71 0.36
CA GLN A 822 -6.62 26.26 0.19
C GLN A 822 -7.02 25.55 1.50
N LEU A 823 -8.25 25.05 1.55
CA LEU A 823 -8.75 24.29 2.70
C LEU A 823 -8.28 22.84 2.63
N PHE A 824 -7.96 22.26 3.79
CA PHE A 824 -7.65 20.83 3.89
C PHE A 824 -7.86 20.31 5.31
N HIS A 825 -7.80 18.98 5.45
CA HIS A 825 -8.05 18.31 6.72
C HIS A 825 -6.78 17.62 7.23
N ILE A 826 -6.67 17.52 8.55
CA ILE A 826 -5.58 16.81 9.22
C ILE A 826 -6.14 15.84 10.26
N ASP A 827 -5.29 14.93 10.75
CA ASP A 827 -5.64 14.08 11.89
C ASP A 827 -6.90 13.25 11.60
N PHE A 828 -6.80 12.38 10.61
CA PHE A 828 -7.94 11.58 10.15
C PHE A 828 -8.31 10.54 11.21
N GLY A 829 -7.30 9.79 11.67
CA GLY A 829 -7.44 8.91 12.83
C GLY A 829 -8.19 7.63 12.54
N HIS A 830 -9.48 7.77 12.23
CA HIS A 830 -10.36 6.63 11.90
C HIS A 830 -11.05 6.85 10.57
N PHE A 831 -11.48 5.74 9.96
CA PHE A 831 -12.28 5.77 8.73
C PHE A 831 -13.36 4.68 8.75
N LEU A 832 -14.23 4.71 7.73
CA LEU A 832 -15.27 3.69 7.52
C LEU A 832 -16.29 3.69 8.69
N ASP A 833 -16.83 2.52 9.03
CA ASP A 833 -17.90 2.40 10.02
C ASP A 833 -17.34 2.33 11.46
N HIS A 834 -16.76 3.45 11.91
CA HIS A 834 -16.12 3.54 13.24
C HIS A 834 -17.06 4.13 14.28
N ARG A 843 -27.85 6.32 8.62
CA ARG A 843 -26.80 5.55 9.30
C ARG A 843 -25.38 5.95 8.89
N GLU A 844 -25.19 6.30 7.62
CA GLU A 844 -23.88 6.78 7.13
C GLU A 844 -23.69 8.23 7.59
N ARG A 845 -22.53 8.50 8.19
CA ARG A 845 -22.24 9.81 8.78
C ARG A 845 -21.77 10.82 7.75
N VAL A 846 -21.86 12.10 8.12
CA VAL A 846 -21.31 13.21 7.33
C VAL A 846 -20.27 13.91 8.22
N PRO A 847 -18.99 13.50 8.11
CA PRO A 847 -17.91 14.05 8.95
C PRO A 847 -17.69 15.56 8.85
N PHE A 848 -17.75 16.10 7.63
CA PHE A 848 -17.47 17.52 7.37
C PHE A 848 -18.78 18.31 7.15
N VAL A 849 -19.38 18.73 8.26
CA VAL A 849 -20.56 19.58 8.24
C VAL A 849 -20.14 21.03 8.02
N LEU A 850 -20.59 21.60 6.91
CA LEU A 850 -20.35 23.00 6.59
C LEU A 850 -21.17 23.92 7.48
N THR A 851 -20.53 24.45 8.53
CA THR A 851 -21.09 25.53 9.33
C THR A 851 -21.22 26.81 8.48
N GLN A 852 -21.90 27.82 9.04
CA GLN A 852 -22.10 29.11 8.35
C GLN A 852 -20.79 29.81 7.98
N ASP A 853 -19.74 29.59 8.78
CA ASP A 853 -18.40 30.11 8.51
C ASP A 853 -17.90 29.76 7.11
N PHE A 854 -18.06 28.48 6.73
CA PHE A 854 -17.63 27.98 5.43
C PHE A 854 -18.53 28.48 4.29
N LEU A 855 -19.84 28.52 4.54
CA LEU A 855 -20.80 28.97 3.54
C LEU A 855 -20.69 30.47 3.20
N ILE A 856 -20.35 31.28 4.21
CA ILE A 856 -20.19 32.73 4.04
C ILE A 856 -19.04 33.07 3.06
N VAL A 857 -17.89 32.43 3.28
CA VAL A 857 -16.74 32.58 2.37
C VAL A 857 -17.02 32.02 0.96
N ILE A 858 -17.71 30.88 0.89
CA ILE A 858 -18.18 30.33 -0.40
C ILE A 858 -19.03 31.36 -1.16
N SER A 859 -19.97 32.01 -0.47
CA SER A 859 -20.87 33.00 -1.07
C SER A 859 -20.32 34.45 -1.16
N LYS A 860 -19.03 34.64 -0.85
CA LYS A 860 -18.35 35.95 -0.92
C LYS A 860 -18.98 37.00 0.02
N GLY A 861 -19.31 36.57 1.24
CA GLY A 861 -19.88 37.47 2.25
C GLY A 861 -21.33 37.83 1.97
N ALA A 862 -22.25 37.03 2.49
CA ALA A 862 -23.69 37.25 2.31
C ALA A 862 -24.47 36.69 3.49
N GLU A 864 -27.67 35.24 3.50
CA GLU A 864 -28.32 34.09 2.86
C GLU A 864 -27.35 33.41 1.89
N CYS A 865 -26.33 32.76 2.46
CA CYS A 865 -25.31 32.05 1.68
C CYS A 865 -25.79 30.72 1.06
N THR A 866 -26.92 30.20 1.52
CA THR A 866 -27.55 29.00 0.94
C THR A 866 -28.10 29.30 -0.47
N LYS A 867 -28.94 30.33 -0.56
CA LYS A 867 -29.59 30.70 -1.82
C LYS A 867 -28.73 31.68 -2.63
N THR A 868 -27.63 31.17 -3.18
CA THR A 868 -26.73 31.92 -4.07
C THR A 868 -26.20 31.05 -5.20
N ARG A 869 -25.77 31.70 -6.28
CA ARG A 869 -25.18 31.01 -7.43
C ARG A 869 -23.82 30.37 -7.10
N GLU A 870 -23.08 30.99 -6.18
CA GLU A 870 -21.80 30.43 -5.70
C GLU A 870 -21.99 29.09 -4.97
N PHE A 871 -23.09 28.98 -4.20
CA PHE A 871 -23.41 27.72 -3.51
C PHE A 871 -23.88 26.64 -4.48
N GLU A 872 -24.70 27.02 -5.47
CA GLU A 872 -25.14 26.10 -6.53
C GLU A 872 -23.97 25.57 -7.38
N ARG A 873 -23.00 26.45 -7.65
CA ARG A 873 -21.72 26.04 -8.27
C ARG A 873 -21.00 25.02 -7.41
N PHE A 874 -20.88 25.33 -6.11
CA PHE A 874 -20.23 24.46 -5.12
C PHE A 874 -20.90 23.08 -5.02
N GLN A 875 -22.23 23.05 -5.04
CA GLN A 875 -22.99 21.79 -5.06
C GLN A 875 -22.65 20.93 -6.29
N GLU A 876 -22.61 21.57 -7.46
CA GLU A 876 -22.28 20.90 -8.73
C GLU A 876 -20.88 20.29 -8.75
N MET A 877 -19.91 20.95 -8.11
CA MET A 877 -18.57 20.39 -7.91
C MET A 877 -18.61 19.12 -7.05
N CYS A 878 -19.41 19.15 -5.98
CA CYS A 878 -19.57 18.00 -5.09
C CYS A 878 -20.24 16.81 -5.77
N TYR A 879 -21.24 17.08 -6.60
CA TYR A 879 -21.96 16.02 -7.34
C TYR A 879 -21.07 15.36 -8.39
N LYS A 880 -20.39 16.19 -9.18
CA LYS A 880 -19.45 15.71 -10.20
C LYS A 880 -18.28 14.93 -9.59
N ALA A 881 -17.77 15.42 -8.46
CA ALA A 881 -16.73 14.73 -7.69
C ALA A 881 -17.23 13.42 -7.09
N TYR A 882 -18.48 13.40 -6.62
CA TYR A 882 -19.07 12.20 -6.04
C TYR A 882 -19.20 11.07 -7.06
N LEU A 883 -19.78 11.38 -8.22
CA LEU A 883 -19.98 10.39 -9.29
C LEU A 883 -18.68 9.93 -9.95
N ALA A 884 -17.67 10.79 -9.99
CA ALA A 884 -16.35 10.44 -10.50
C ALA A 884 -15.71 9.31 -9.69
N ILE A 885 -15.82 9.38 -8.36
CA ILE A 885 -15.30 8.35 -7.47
C ILE A 885 -16.15 7.07 -7.54
N ARG A 886 -17.46 7.24 -7.74
CA ARG A 886 -18.38 6.11 -7.95
C ARG A 886 -17.99 5.28 -9.18
N GLN A 887 -17.55 5.96 -10.25
CA GLN A 887 -17.06 5.31 -11.47
C GLN A 887 -15.77 4.50 -11.28
N HIS A 888 -14.96 4.89 -10.28
CA HIS A 888 -13.71 4.19 -9.93
C HIS A 888 -13.80 3.43 -8.60
N ALA A 889 -15.01 2.97 -8.25
CA ALA A 889 -15.26 2.33 -6.96
C ALA A 889 -14.47 1.04 -6.71
N ASN A 890 -14.27 0.25 -7.77
CA ASN A 890 -13.54 -1.02 -7.67
C ASN A 890 -12.11 -0.85 -7.17
N LEU A 891 -11.45 0.19 -7.64
CA LEU A 891 -10.09 0.52 -7.22
C LEU A 891 -10.01 0.72 -5.71
N PHE A 892 -10.87 1.59 -5.19
CA PHE A 892 -10.86 1.94 -3.76
C PHE A 892 -11.24 0.75 -2.88
N ILE A 893 -12.27 0.01 -3.29
CA ILE A 893 -12.63 -1.27 -2.64
C ILE A 893 -11.44 -2.24 -2.62
N ASN A 894 -10.74 -2.35 -3.75
CA ASN A 894 -9.56 -3.22 -3.85
C ASN A 894 -8.38 -2.74 -3.00
N LEU A 895 -8.14 -1.44 -2.97
CA LEU A 895 -7.08 -0.86 -2.13
C LEU A 895 -7.32 -1.10 -0.63
N PHE A 896 -8.58 -0.98 -0.20
CA PHE A 896 -8.97 -1.33 1.17
C PHE A 896 -8.90 -2.83 1.45
N SER A 897 -9.29 -3.66 0.47
CA SER A 897 -9.25 -5.13 0.60
C SER A 897 -7.83 -5.67 0.76
N MET A 898 -6.89 -5.11 0.01
CA MET A 898 -5.46 -5.44 0.14
C MET A 898 -4.86 -5.05 1.51
N MET A 899 -5.56 -4.18 2.22
CA MET A 899 -5.12 -3.63 3.49
C MET A 899 -5.73 -4.35 4.71
N LEU A 900 -6.51 -5.41 4.48
CA LEU A 900 -7.12 -6.19 5.57
C LEU A 900 -6.11 -6.99 6.40
N GLY A 901 -4.98 -7.37 5.78
CA GLY A 901 -3.91 -8.08 6.47
C GLY A 901 -3.18 -7.23 7.51
N SER A 902 -3.21 -5.92 7.32
CA SER A 902 -2.71 -4.97 8.33
C SER A 902 -3.55 -5.04 9.60
N GLY A 903 -2.95 -4.67 10.72
CA GLY A 903 -3.60 -4.76 12.04
C GLY A 903 -4.41 -3.54 12.45
N MET A 904 -5.03 -2.85 11.49
CA MET A 904 -5.86 -1.68 11.80
C MET A 904 -7.23 -2.16 12.28
N PRO A 905 -7.65 -1.73 13.49
CA PRO A 905 -8.86 -2.29 14.12
C PRO A 905 -10.19 -1.96 13.41
N GLU A 906 -10.22 -0.84 12.70
CA GLU A 906 -11.41 -0.42 11.93
C GLU A 906 -11.48 -1.03 10.51
N LEU A 907 -10.47 -1.83 10.13
CA LEU A 907 -10.43 -2.53 8.85
C LEU A 907 -10.02 -3.99 9.07
N GLN A 908 -10.95 -4.76 9.63
CA GLN A 908 -10.72 -6.16 10.02
C GLN A 908 -11.38 -7.17 9.08
N SER A 909 -12.55 -6.82 8.52
CA SER A 909 -13.30 -7.69 7.62
C SER A 909 -13.82 -6.93 6.40
N PHE A 910 -14.40 -7.68 5.45
CA PHE A 910 -15.01 -7.09 4.25
C PHE A 910 -16.28 -6.27 4.54
N ASP A 911 -16.94 -6.52 5.67
CA ASP A 911 -18.09 -5.71 6.12
C ASP A 911 -17.71 -4.28 6.51
N ASP A 912 -16.49 -4.12 7.04
CA ASP A 912 -15.93 -2.77 7.29
C ASP A 912 -15.77 -2.01 5.98
N ILE A 913 -15.32 -2.71 4.94
CA ILE A 913 -15.14 -2.11 3.61
C ILE A 913 -16.50 -1.84 2.94
N ALA A 914 -17.50 -2.67 3.24
CA ALA A 914 -18.87 -2.49 2.73
C ALA A 914 -19.50 -1.13 3.05
N TYR A 915 -18.96 -0.42 4.03
CA TYR A 915 -19.29 1.00 4.26
C TYR A 915 -19.14 1.86 3.00
N ILE A 916 -18.09 1.62 2.22
CA ILE A 916 -17.85 2.34 0.96
C ILE A 916 -18.93 2.00 -0.08
N ARG A 917 -19.39 0.75 -0.10
CA ARG A 917 -20.56 0.33 -0.91
C ARG A 917 -21.81 1.18 -0.63
N LYS A 918 -22.03 1.50 0.64
CA LYS A 918 -23.19 2.28 1.07
C LYS A 918 -23.03 3.77 0.72
N THR A 919 -21.90 4.35 1.09
CA THR A 919 -21.63 5.77 0.80
C THR A 919 -21.54 6.08 -0.71
N LEU A 920 -21.07 5.12 -1.51
CA LEU A 920 -21.08 5.25 -2.98
C LEU A 920 -22.36 4.74 -3.66
N ALA A 921 -23.24 4.07 -2.91
CA ALA A 921 -24.57 3.67 -3.39
C ALA A 921 -24.51 2.83 -4.68
N LEU A 922 -23.70 1.77 -4.64
CA LEU A 922 -23.38 0.98 -5.84
C LEU A 922 -24.51 0.07 -6.36
N ASP A 923 -25.35 -0.45 -5.45
CA ASP A 923 -26.58 -1.17 -5.85
C ASP A 923 -27.58 -0.26 -6.57
N LYS A 924 -27.65 1.00 -6.12
CA LYS A 924 -28.53 1.99 -6.73
C LYS A 924 -27.95 2.51 -8.05
N THR A 925 -28.77 3.22 -8.81
CA THR A 925 -28.36 3.80 -10.10
C THR A 925 -27.60 5.12 -9.87
N GLU A 926 -27.04 5.67 -10.96
CA GLU A 926 -26.26 6.91 -10.93
C GLU A 926 -27.07 8.12 -10.46
N GLN A 927 -28.29 8.27 -10.97
CA GLN A 927 -29.20 9.34 -10.56
C GLN A 927 -29.71 9.12 -9.13
N GLU A 928 -30.00 7.87 -8.78
CA GLU A 928 -30.35 7.49 -7.41
C GLU A 928 -29.21 7.72 -6.41
N ALA A 929 -27.97 7.59 -6.89
CA ALA A 929 -26.78 7.85 -6.08
C ALA A 929 -26.60 9.33 -5.74
N LEU A 930 -26.91 10.20 -6.70
CA LEU A 930 -26.92 11.67 -6.47
C LEU A 930 -27.98 12.06 -5.45
N GLU A 931 -29.18 11.51 -5.61
CA GLU A 931 -30.29 11.75 -4.67
C GLU A 931 -29.98 11.24 -3.26
N TYR A 932 -29.27 10.12 -3.17
CA TYR A 932 -28.79 9.60 -1.89
C TYR A 932 -27.79 10.58 -1.25
N PHE A 933 -26.78 10.98 -2.03
CA PHE A 933 -25.78 11.95 -1.58
C PHE A 933 -26.40 13.29 -1.17
N MET A 934 -27.32 13.79 -1.99
CA MET A 934 -28.06 15.02 -1.68
C MET A 934 -28.83 14.93 -0.37
N LYS A 935 -29.49 13.79 -0.14
CA LYS A 935 -30.27 13.55 1.09
C LYS A 935 -29.41 13.51 2.35
N GLN A 936 -28.22 12.91 2.26
CA GLN A 936 -27.27 12.87 3.37
C GLN A 936 -26.77 14.26 3.75
N MET A 937 -26.44 15.07 2.73
CA MET A 937 -26.01 16.46 2.93
C MET A 937 -27.16 17.34 3.45
N ASN A 938 -28.38 17.10 2.98
CA ASN A 938 -29.57 17.84 3.41
C ASN A 938 -29.89 17.62 4.89
N ASP A 939 -29.89 16.36 5.32
CA ASP A 939 -30.15 16.01 6.71
C ASP A 939 -29.05 16.47 7.67
N ALA A 940 -27.80 16.36 7.24
CA ALA A 940 -26.64 16.79 8.05
C ALA A 940 -26.64 18.31 8.30
N HIS A 941 -26.88 19.08 7.23
CA HIS A 941 -26.88 20.54 7.29
C HIS A 941 -28.24 21.16 7.69
N HIS A 942 -29.27 20.33 7.85
CA HIS A 942 -30.64 20.79 8.12
C HIS A 942 -31.14 21.73 7.04
N GLY A 943 -31.22 21.21 5.81
CA GLY A 943 -31.63 21.96 4.63
C GLY A 943 -30.48 22.28 3.69
N GLY A 944 -30.81 22.91 2.57
CA GLY A 944 -29.81 23.40 1.59
C GLY A 944 -29.58 22.51 0.37
N TRP A 945 -29.72 21.20 0.55
CA TRP A 945 -29.42 20.21 -0.50
C TRP A 945 -30.68 19.43 -0.87
C2 5H5 B . 0.05 25.64 13.33
C4 5H5 B . 1.43 25.40 12.76
C6 5H5 B . 2.15 26.76 12.56
C8 5H5 B . 0.93 23.41 11.38
C12 5H5 B . -0.49 20.32 8.06
C15 5H5 B . -0.95 17.30 10.19
C16 5H5 B . -1.06 17.35 11.55
C18 5H5 B . -0.35 19.31 10.89
C19 5H5 B . 0.11 20.73 10.98
C21 5H5 B . 0.49 22.62 12.44
C24 5H5 B . -2.28 14.29 12.98
C27 5H5 B . -1.11 17.17 14.80
N1 5H5 B . -1.01 25.74 12.52
O3 5H5 B . -0.09 25.70 14.53
O7 5H5 B . 1.35 24.71 11.49
C9 5H5 B . 0.95 22.84 10.10
C10 5H5 B . 0.56 21.52 9.89
O11 5H5 B . 0.60 21.04 8.63
C13 5H5 B . -0.27 18.84 8.36
N14 5H5 B . -0.52 18.51 9.76
N17 5H5 B . -0.69 18.59 11.92
C20 5H5 B . 0.09 21.32 12.25
C22 5H5 B . -1.51 16.25 12.43
N23 5H5 B . -1.97 15.10 11.97
N25 5H5 B . -2.02 14.90 14.10
N26 5H5 B . -1.52 16.17 13.79
C28 5H5 B . -0.02 16.59 15.69
C29 5H5 B . -2.33 17.50 15.66
C1 EDO C . -2.79 21.88 15.09
O1 EDO C . -2.37 23.25 15.10
C2 EDO C . -2.15 21.13 16.26
O2 EDO C . -2.11 21.92 17.45
#